data_8VMA
#
_entry.id   8VMA
#
_cell.length_a   52.993
_cell.length_b   106.369
_cell.length_c   142.819
_cell.angle_alpha   90.000
_cell.angle_beta   99.230
_cell.angle_gamma   90.000
#
_symmetry.space_group_name_H-M   'P 1 21 1'
#
loop_
_entity.id
_entity.type
_entity.pdbx_description
1 polymer 'Heavy Chain of Fab BL3-6'
2 polymer 'Light Chain of Fab BL3-6'
3 polymer 'RNA (88-MER)'
4 water water
#
loop_
_entity_poly.entity_id
_entity_poly.type
_entity_poly.pdbx_seq_one_letter_code
_entity_poly.pdbx_strand_id
1 'polypeptide(L)'
;EISEVQLVESGGGLVQPGGSLRLSCAASGFYISYSSIHWVRQAPGKGLEWVASISPYSGSTYYADSVKGRFTISADTSKN
TAYLQMNSLRAEDTAVYYCARQGYRRRSGRGFDYWGQGTLVTVSSASTKGPSVFPLAPSSKSTSGGTAALGCLVKDYFPE
PVTVSWNSGALTSGVHTFPAVLQSSGLYSLSSVVTVPSSSLGTQTYICNVNHKPSNTKVDKKVEPKSCDKTHT
;
A,H
2 'polypeptide(L)'
;SDIQMTQSPSSLSASVGDRVTITCRASQSVSSAVAWYQQKPGKAPKLLIYSASSLYSGVPSRFSGSRSGTDFTLTISSLQ
PEDFATYYCQQSYSFPSTFGQGTKVEIKRTVAAPSVFIFPPSDEQLKSGTASVVCLLNNFYPREAKVQWKVDNALQSGNS
QESVTEQDSKDSTYSLSSTLTLSKADYEKHKVYACEVTHQGLSSPVTKSFNRGEC
;
B,L
3 'polyribonucleotide'
;GGAAACUGGGUAUAGGUUGUUCCCACCUGUACCACCCACGUGGUGUAGUGCUCCUGUAUGAAACACGUACACUUGCACGC
CAGUUUCC
;
C,R
#
loop_
_chem_comp.id
_chem_comp.type
_chem_comp.name
_chem_comp.formula
A RNA linking ADENOSINE-5'-MONOPHOSPHATE 'C10 H14 N5 O7 P'
C RNA linking CYTIDINE-5'-MONOPHOSPHATE 'C9 H14 N3 O8 P'
G RNA linking GUANOSINE-5'-MONOPHOSPHATE 'C10 H14 N5 O8 P'
U RNA linking URIDINE-5'-MONOPHOSPHATE 'C9 H13 N2 O9 P'
#
# COMPACT_ATOMS: atom_id res chain seq x y z
N GLU A 4 6.70 -25.04 -2.59
CA GLU A 4 8.11 -24.90 -2.26
C GLU A 4 8.25 -24.49 -0.79
N VAL A 5 7.75 -23.34 -0.39
CA VAL A 5 7.73 -23.04 1.04
C VAL A 5 6.54 -23.72 1.66
N GLN A 6 6.76 -24.48 2.71
CA GLN A 6 5.61 -24.95 3.46
C GLN A 6 5.99 -25.32 4.88
N LEU A 7 4.95 -25.45 5.71
CA LEU A 7 5.03 -25.78 7.11
C LEU A 7 4.09 -26.94 7.41
N VAL A 8 4.55 -27.87 8.23
CA VAL A 8 3.77 -29.04 8.59
C VAL A 8 3.83 -29.21 10.10
N GLU A 9 2.69 -29.00 10.76
CA GLU A 9 2.56 -29.31 12.17
C GLU A 9 2.29 -30.80 12.39
N SER A 10 2.76 -31.31 13.51
CA SER A 10 2.40 -32.63 13.93
C SER A 10 2.42 -32.64 15.45
N GLY A 11 2.06 -33.80 16.00
CA GLY A 11 2.03 -33.98 17.43
C GLY A 11 0.70 -33.73 18.09
N GLY A 12 -0.31 -33.33 17.35
CA GLY A 12 -1.57 -33.11 17.99
C GLY A 12 -2.24 -34.42 18.36
N GLY A 13 -3.34 -34.30 19.08
CA GLY A 13 -4.09 -35.49 19.40
C GLY A 13 -4.88 -35.25 20.65
N LEU A 14 -5.27 -36.35 21.27
CA LEU A 14 -6.18 -36.34 22.39
C LEU A 14 -5.40 -36.53 23.68
N VAL A 15 -5.69 -35.71 24.69
CA VAL A 15 -4.90 -35.68 25.91
C VAL A 15 -5.85 -35.57 27.10
N GLN A 16 -5.46 -36.17 28.21
CA GLN A 16 -6.19 -36.01 29.45
C GLN A 16 -5.98 -34.58 29.97
N PRO A 17 -6.97 -34.00 30.63
CA PRO A 17 -6.73 -32.71 31.28
C PRO A 17 -5.62 -32.85 32.30
N GLY A 18 -4.78 -31.82 32.38
CA GLY A 18 -3.54 -31.87 33.13
C GLY A 18 -2.38 -32.58 32.45
N GLY A 19 -2.56 -33.08 31.23
CA GLY A 19 -1.50 -33.73 30.50
C GLY A 19 -0.65 -32.74 29.73
N SER A 20 0.27 -33.26 28.93
CA SER A 20 1.18 -32.41 28.17
C SER A 20 1.39 -33.01 26.80
N LEU A 21 1.85 -32.17 25.90
CA LEU A 21 1.93 -32.54 24.51
C LEU A 21 2.99 -31.66 23.87
N ARG A 22 3.75 -32.20 22.92
CA ARG A 22 4.74 -31.40 22.21
C ARG A 22 4.41 -31.29 20.73
N LEU A 23 4.01 -30.11 20.29
CA LEU A 23 3.78 -29.88 18.88
C LEU A 23 5.07 -29.55 18.16
N SER A 24 5.16 -29.98 16.92
CA SER A 24 6.33 -29.71 16.10
C SER A 24 5.87 -29.12 14.78
N CYS A 25 6.69 -28.25 14.22
CA CYS A 25 6.37 -27.53 13.00
C CYS A 25 7.61 -27.63 12.13
N ALA A 26 7.55 -28.45 11.09
CA ALA A 26 8.74 -28.75 10.29
C ALA A 26 8.69 -27.93 9.01
N ALA A 27 9.70 -27.10 8.79
CA ALA A 27 9.69 -26.15 7.70
C ALA A 27 10.42 -26.72 6.49
N SER A 28 9.97 -26.35 5.30
CA SER A 28 10.77 -26.63 4.13
C SER A 28 10.68 -25.45 3.17
N GLY A 29 11.65 -25.39 2.27
CA GLY A 29 11.70 -24.32 1.32
C GLY A 29 12.23 -23.04 1.89
N PHE A 30 12.56 -23.02 3.17
CA PHE A 30 13.15 -21.84 3.78
C PHE A 30 13.74 -22.23 5.13
N TYR A 31 14.55 -21.36 5.68
CA TYR A 31 15.19 -21.61 6.96
C TYR A 31 14.49 -20.81 8.05
N ILE A 32 14.08 -21.50 9.11
CA ILE A 32 13.36 -20.84 10.18
C ILE A 32 14.21 -19.86 10.98
N SER A 33 15.53 -19.91 10.87
CA SER A 33 16.25 -18.99 11.72
C SER A 33 16.22 -17.57 11.20
N TYR A 34 15.75 -17.33 9.98
CA TYR A 34 15.72 -15.99 9.46
C TYR A 34 14.33 -15.38 9.55
N SER A 35 13.40 -16.10 10.18
CA SER A 35 12.02 -15.68 10.32
C SER A 35 11.56 -15.74 11.76
N SER A 36 10.66 -14.85 12.15
CA SER A 36 9.83 -15.14 13.31
C SER A 36 8.88 -16.31 13.01
N ILE A 37 8.61 -17.12 14.03
CA ILE A 37 7.68 -18.25 13.92
C ILE A 37 6.63 -18.12 15.01
N HIS A 38 5.37 -18.26 14.62
CA HIS A 38 4.22 -18.10 15.50
C HIS A 38 3.38 -19.36 15.57
N TRP A 39 2.78 -19.58 16.73
CA TRP A 39 1.74 -20.57 16.93
C TRP A 39 0.44 -19.83 17.14
N VAL A 40 -0.59 -20.23 16.40
CA VAL A 40 -1.92 -19.67 16.44
C VAL A 40 -2.92 -20.83 16.51
N ARG A 41 -3.93 -20.70 17.37
CA ARG A 41 -4.91 -21.76 17.56
C ARG A 41 -6.34 -21.30 17.29
N GLN A 42 -7.23 -22.27 17.10
CA GLN A 42 -8.62 -21.99 16.71
C GLN A 42 -9.51 -23.06 17.34
N ALA A 43 -10.20 -22.69 18.43
CA ALA A 43 -11.12 -23.61 19.04
C ALA A 43 -12.22 -23.94 18.05
N PRO A 44 -12.68 -25.16 17.97
CA PRO A 44 -13.72 -25.49 16.99
C PRO A 44 -14.90 -24.51 17.01
N GLY A 45 -15.12 -23.85 15.87
CA GLY A 45 -16.20 -22.90 15.75
C GLY A 45 -15.95 -21.53 16.35
N LYS A 46 -14.69 -21.14 16.52
CA LYS A 46 -14.37 -19.80 16.99
C LYS A 46 -13.25 -19.27 16.13
N GLY A 47 -12.81 -18.05 16.49
CA GLY A 47 -11.82 -17.35 15.71
C GLY A 47 -10.40 -17.85 15.97
N LEU A 48 -9.46 -17.14 15.36
CA LEU A 48 -8.04 -17.39 15.55
C LEU A 48 -7.57 -16.73 16.84
N GLU A 49 -6.75 -17.43 17.61
CA GLU A 49 -6.15 -16.87 18.81
C GLU A 49 -4.65 -17.07 18.75
N TRP A 50 -3.91 -15.96 18.82
CA TRP A 50 -2.46 -16.00 18.87
C TRP A 50 -1.97 -16.58 20.19
N VAL A 51 -0.96 -17.44 20.13
CA VAL A 51 -0.49 -18.20 21.29
C VAL A 51 0.93 -17.81 21.68
N ALA A 52 1.85 -17.83 20.72
CA ALA A 52 3.25 -17.66 21.07
C ALA A 52 4.04 -17.36 19.81
N SER A 53 5.26 -16.85 20.00
CA SER A 53 6.12 -16.61 18.86
C SER A 53 7.56 -16.59 19.31
N ILE A 54 8.46 -16.82 18.37
CA ILE A 54 9.89 -16.73 18.65
C ILE A 54 10.57 -15.97 17.53
N SER A 55 11.43 -15.03 17.91
CA SER A 55 12.14 -14.04 17.10
C SER A 55 13.44 -14.65 16.56
N PRO A 56 13.80 -14.27 15.33
CA PRO A 56 15.07 -14.69 14.79
C PRO A 56 16.23 -13.90 15.39
N TYR A 57 17.41 -14.53 15.38
CA TYR A 57 18.72 -14.02 15.81
C TYR A 57 18.88 -13.84 17.31
N SER A 58 17.80 -13.74 18.04
CA SER A 58 17.96 -13.55 19.46
C SER A 58 17.26 -14.61 20.28
N GLY A 59 16.28 -15.30 19.69
CA GLY A 59 15.49 -16.28 20.39
C GLY A 59 14.43 -15.71 21.29
N SER A 60 14.16 -14.42 21.23
CA SER A 60 13.12 -13.89 22.10
C SER A 60 11.77 -14.53 21.79
N THR A 61 11.03 -14.81 22.85
CA THR A 61 9.75 -15.51 22.75
C THR A 61 8.71 -14.70 23.48
N TYR A 62 7.51 -14.72 22.94
CA TYR A 62 6.40 -13.99 23.48
C TYR A 62 5.24 -14.97 23.57
N TYR A 63 4.40 -14.77 24.58
CA TYR A 63 3.35 -15.71 24.90
C TYR A 63 2.02 -14.99 25.10
N ALA A 64 0.95 -15.56 24.55
CA ALA A 64 -0.38 -15.07 24.87
C ALA A 64 -0.63 -15.13 26.36
N ASP A 65 -1.59 -14.32 26.80
CA ASP A 65 -1.81 -14.19 28.24
C ASP A 65 -2.31 -15.51 28.82
N SER A 66 -3.19 -16.18 28.11
CA SER A 66 -3.88 -17.36 28.60
C SER A 66 -3.06 -18.65 28.57
N VAL A 67 -1.85 -18.63 28.05
CA VAL A 67 -1.01 -19.83 28.02
C VAL A 67 0.34 -19.61 28.68
N LYS A 68 0.57 -18.43 29.23
CA LYS A 68 1.85 -18.13 29.82
C LYS A 68 2.18 -19.16 30.90
N GLY A 69 3.47 -19.44 31.05
CA GLY A 69 3.96 -20.35 32.07
C GLY A 69 3.58 -21.80 31.89
N ARG A 70 2.72 -22.12 30.93
CA ARG A 70 2.35 -23.50 30.63
C ARG A 70 2.82 -23.92 29.26
N PHE A 71 2.77 -23.02 28.28
CA PHE A 71 3.26 -23.30 26.94
C PHE A 71 4.66 -22.71 26.80
N THR A 72 5.50 -23.40 26.02
CA THR A 72 6.86 -22.95 25.80
C THR A 72 7.21 -23.17 24.35
N ILE A 73 7.39 -22.06 23.59
CA ILE A 73 7.77 -22.14 22.19
C ILE A 73 9.29 -22.18 22.10
N SER A 74 9.81 -22.91 21.12
CA SER A 74 11.25 -22.99 20.95
C SER A 74 11.50 -23.45 19.53
N ALA A 75 12.76 -23.42 19.12
CA ALA A 75 13.10 -23.70 17.73
C ALA A 75 14.44 -24.41 17.65
N ASP A 76 14.48 -25.43 16.81
CA ASP A 76 15.69 -26.19 16.58
C ASP A 76 16.16 -25.80 15.18
N THR A 77 17.00 -24.77 15.11
CA THR A 77 17.43 -24.24 13.82
C THR A 77 18.30 -25.25 13.07
N SER A 78 18.76 -26.27 13.73
CA SER A 78 19.53 -27.26 13.01
C SER A 78 18.68 -28.40 12.47
N LYS A 79 17.36 -28.38 12.72
CA LYS A 79 16.43 -29.34 12.13
C LYS A 79 15.32 -28.63 11.39
N ASN A 80 15.41 -27.29 11.29
CA ASN A 80 14.42 -26.48 10.63
C ASN A 80 13.02 -26.80 11.14
N THR A 81 12.89 -26.81 12.47
CA THR A 81 11.65 -27.16 13.13
C THR A 81 11.41 -26.27 14.32
N ALA A 82 10.17 -25.87 14.51
CA ALA A 82 9.77 -25.20 15.73
C ALA A 82 8.91 -26.14 16.55
N TYR A 83 8.79 -25.82 17.84
CA TYR A 83 8.15 -26.69 18.81
C TYR A 83 7.21 -25.88 19.69
N LEU A 84 6.16 -26.54 20.17
CA LEU A 84 5.30 -25.92 21.17
C LEU A 84 5.14 -26.93 22.29
N GLN A 85 5.79 -26.67 23.42
CA GLN A 85 5.65 -27.56 24.57
C GLN A 85 4.46 -27.06 25.37
N MET A 86 3.46 -27.91 25.49
CA MET A 86 2.23 -27.55 26.18
C MET A 86 2.14 -28.44 27.38
N ASN A 87 2.10 -27.83 28.56
CA ASN A 87 1.99 -28.57 29.80
C ASN A 87 0.75 -28.08 30.50
N SER A 88 0.30 -28.81 31.51
CA SER A 88 -0.84 -28.39 32.30
C SER A 88 -2.00 -28.05 31.38
N LEU A 89 -2.24 -28.96 30.42
CA LEU A 89 -3.28 -28.73 29.43
C LEU A 89 -4.60 -28.68 30.15
N ARG A 90 -5.42 -27.74 29.73
CA ARG A 90 -6.69 -27.47 30.37
C ARG A 90 -7.76 -27.70 29.33
N ALA A 91 -9.01 -27.71 29.76
CA ALA A 91 -10.09 -27.97 28.81
C ALA A 91 -10.09 -26.93 27.70
N GLU A 92 -9.81 -25.67 28.07
CA GLU A 92 -9.89 -24.53 27.16
C GLU A 92 -8.94 -24.64 25.96
N ASP A 93 -7.92 -25.48 26.04
CA ASP A 93 -6.84 -25.50 25.06
C ASP A 93 -7.15 -26.40 23.88
N THR A 94 -8.37 -26.90 23.78
CA THR A 94 -8.78 -27.63 22.59
C THR A 94 -8.90 -26.68 21.43
N ALA A 95 -8.15 -26.93 20.37
CA ALA A 95 -8.21 -26.08 19.20
C ALA A 95 -7.42 -26.76 18.10
N VAL A 96 -7.55 -26.25 16.90
CA VAL A 96 -6.55 -26.54 15.88
C VAL A 96 -5.37 -25.60 16.09
N TYR A 97 -4.15 -26.14 16.05
CA TYR A 97 -2.94 -25.36 16.27
C TYR A 97 -2.17 -25.21 14.97
N TYR A 98 -2.02 -23.97 14.52
CA TYR A 98 -1.24 -23.65 13.33
C TYR A 98 0.09 -23.10 13.75
N CYS A 99 1.15 -23.46 13.03
CA CYS A 99 2.30 -22.57 13.02
C CYS A 99 2.29 -21.75 11.73
N ALA A 100 2.69 -20.49 11.84
CA ALA A 100 2.68 -19.53 10.76
C ALA A 100 4.02 -18.81 10.69
N ARG A 101 4.51 -18.57 9.48
CA ARG A 101 5.74 -17.83 9.32
C ARG A 101 5.41 -16.37 9.15
N GLN A 102 6.02 -15.52 9.96
CA GLN A 102 6.06 -14.11 9.65
C GLN A 102 6.95 -13.92 8.43
N GLY A 103 6.42 -13.26 7.42
CA GLY A 103 7.18 -12.98 6.20
C GLY A 103 8.36 -12.00 6.41
N TYR A 104 9.09 -11.83 5.31
CA TYR A 104 10.19 -10.89 5.25
C TYR A 104 9.73 -9.46 5.47
N ARG A 105 10.47 -8.72 6.30
CA ARG A 105 10.07 -7.36 6.64
C ARG A 105 9.83 -6.53 5.40
N ARG A 106 10.83 -6.50 4.53
CA ARG A 106 10.79 -5.71 3.30
C ARG A 106 9.72 -6.19 2.33
N ARG A 107 9.23 -7.42 2.45
CA ARG A 107 8.30 -7.94 1.46
C ARG A 107 6.88 -8.03 1.94
N SER A 108 6.62 -8.28 3.22
CA SER A 108 5.21 -8.31 3.59
C SER A 108 4.97 -7.80 5.02
N GLY A 109 5.80 -6.87 5.49
CA GLY A 109 5.55 -6.24 6.78
C GLY A 109 5.63 -7.25 7.90
N ARG A 110 4.60 -7.30 8.74
CA ARG A 110 4.53 -8.31 9.80
C ARG A 110 3.49 -9.39 9.51
N GLY A 111 2.97 -9.47 8.30
CA GLY A 111 1.95 -10.44 8.02
C GLY A 111 2.48 -11.86 8.05
N PHE A 112 1.60 -12.79 8.39
CA PHE A 112 1.94 -14.21 8.38
C PHE A 112 1.65 -14.73 6.98
N ASP A 113 2.69 -14.99 6.20
CA ASP A 113 2.46 -15.22 4.78
C ASP A 113 2.30 -16.70 4.40
N TYR A 114 2.80 -17.63 5.19
CA TYR A 114 2.58 -19.05 5.00
C TYR A 114 2.13 -19.62 6.33
N TRP A 115 1.16 -20.54 6.27
CA TRP A 115 0.62 -21.21 7.44
C TRP A 115 0.63 -22.70 7.22
N GLY A 116 0.83 -23.46 8.29
CA GLY A 116 0.66 -24.89 8.18
C GLY A 116 -0.83 -25.25 8.09
N GLN A 117 -1.12 -26.50 7.72
CA GLN A 117 -2.53 -26.90 7.71
C GLN A 117 -3.07 -27.13 9.11
N GLY A 118 -2.21 -27.19 10.13
CA GLY A 118 -2.76 -27.25 11.49
C GLY A 118 -2.89 -28.67 12.01
N THR A 119 -2.80 -28.81 13.33
CA THR A 119 -2.94 -30.11 13.95
C THR A 119 -3.90 -29.96 15.11
N LEU A 120 -4.91 -30.81 15.15
CA LEU A 120 -5.94 -30.72 16.16
C LEU A 120 -5.44 -31.29 17.47
N VAL A 121 -5.63 -30.54 18.55
CA VAL A 121 -5.34 -30.96 19.91
C VAL A 121 -6.66 -30.97 20.66
N THR A 122 -6.97 -32.10 21.31
CA THR A 122 -8.24 -32.31 21.98
C THR A 122 -7.97 -32.65 23.44
N VAL A 123 -8.42 -31.78 24.34
CA VAL A 123 -8.23 -32.02 25.78
C VAL A 123 -9.55 -32.53 26.34
N SER A 124 -9.53 -33.74 26.86
CA SER A 124 -10.76 -34.39 27.28
C SER A 124 -10.43 -35.64 28.07
N SER A 125 -11.19 -35.90 29.12
CA SER A 125 -10.98 -37.17 29.83
C SER A 125 -11.73 -38.32 29.19
N ALA A 126 -12.47 -38.04 28.13
CA ALA A 126 -13.20 -39.03 27.34
C ALA A 126 -12.24 -39.90 26.55
N SER A 127 -12.75 -41.03 26.14
CA SER A 127 -11.97 -42.15 25.62
C SER A 127 -12.12 -42.30 24.10
N THR A 128 -11.04 -42.65 23.40
CA THR A 128 -11.07 -42.82 21.93
C THR A 128 -12.06 -43.91 21.52
N LYS A 129 -12.80 -43.69 20.43
CA LYS A 129 -13.68 -44.75 19.92
C LYS A 129 -13.90 -44.63 18.41
N GLY A 130 -13.72 -45.77 17.72
CA GLY A 130 -13.91 -45.85 16.30
C GLY A 130 -15.37 -45.88 15.89
N PRO A 131 -15.64 -45.37 14.70
CA PRO A 131 -17.02 -45.29 14.20
C PRO A 131 -17.55 -46.63 13.70
N SER A 132 -18.86 -46.76 13.69
CA SER A 132 -19.41 -47.81 12.86
C SER A 132 -20.05 -47.16 11.64
N VAL A 133 -19.96 -47.85 10.51
CA VAL A 133 -20.39 -47.30 9.24
C VAL A 133 -21.65 -48.05 8.79
N PHE A 134 -22.72 -47.31 8.57
CA PHE A 134 -23.92 -47.97 8.12
C PHE A 134 -24.35 -47.45 6.77
N PRO A 135 -24.96 -48.31 5.95
CA PRO A 135 -25.42 -47.87 4.62
C PRO A 135 -26.64 -46.97 4.71
N LEU A 136 -26.61 -45.86 3.97
CA LEU A 136 -27.81 -45.08 3.68
C LEU A 136 -28.25 -45.53 2.29
N ALA A 137 -29.15 -46.51 2.25
CA ALA A 137 -29.46 -47.20 0.99
C ALA A 137 -30.26 -46.31 0.05
N PRO A 138 -29.96 -46.34 -1.25
CA PRO A 138 -30.76 -45.62 -2.25
C PRO A 138 -32.22 -46.02 -2.21
N SER A 139 -33.04 -45.12 -2.77
CA SER A 139 -34.48 -45.10 -2.57
C SER A 139 -35.14 -46.45 -2.82
N SER A 140 -35.87 -46.91 -1.81
CA SER A 140 -36.62 -48.16 -1.88
C SER A 140 -37.60 -48.18 -3.05
N LYS A 141 -38.33 -47.08 -3.25
CA LYS A 141 -39.25 -46.99 -4.38
C LYS A 141 -38.64 -46.28 -5.58
N SER A 142 -37.31 -46.18 -5.65
CA SER A 142 -36.65 -45.32 -6.64
C SER A 142 -37.38 -43.98 -6.68
N THR A 143 -37.10 -43.15 -5.68
CA THR A 143 -37.86 -41.94 -5.39
C THR A 143 -38.02 -41.03 -6.62
N SER A 144 -36.92 -40.60 -7.20
CA SER A 144 -36.96 -39.74 -8.37
C SER A 144 -36.41 -40.45 -9.60
N GLY A 145 -37.12 -40.32 -10.71
CA GLY A 145 -36.70 -40.94 -11.95
C GLY A 145 -35.52 -40.21 -12.55
N GLY A 146 -34.92 -39.33 -11.75
CA GLY A 146 -33.76 -38.57 -12.15
C GLY A 146 -32.49 -39.04 -11.47
N THR A 147 -32.03 -38.33 -10.44
CA THR A 147 -30.89 -38.80 -9.66
C THR A 147 -31.33 -39.21 -8.26
N ALA A 148 -30.86 -40.36 -7.81
CA ALA A 148 -31.14 -40.87 -6.48
C ALA A 148 -29.99 -40.47 -5.58
N ALA A 149 -30.23 -40.54 -4.27
CA ALA A 149 -29.19 -40.31 -3.29
C ALA A 149 -28.90 -41.58 -2.52
N LEU A 150 -27.66 -41.71 -2.11
CA LEU A 150 -27.24 -42.73 -1.17
C LEU A 150 -26.14 -42.14 -0.31
N GLY A 151 -25.82 -42.83 0.77
CA GLY A 151 -24.75 -42.34 1.62
C GLY A 151 -24.30 -43.37 2.63
N CYS A 152 -23.43 -42.92 3.52
CA CYS A 152 -22.89 -43.70 4.62
C CYS A 152 -23.19 -42.93 5.89
N LEU A 153 -23.74 -43.62 6.89
CA LEU A 153 -23.90 -43.06 8.23
C LEU A 153 -22.71 -43.51 9.07
N VAL A 154 -21.90 -42.55 9.52
CA VAL A 154 -20.65 -42.77 10.26
C VAL A 154 -20.92 -42.39 11.70
N LYS A 155 -21.23 -43.36 12.53
CA LYS A 155 -21.86 -43.08 13.80
C LYS A 155 -20.98 -43.49 14.99
N ASP A 156 -21.08 -42.71 16.06
CA ASP A 156 -20.57 -43.06 17.38
C ASP A 156 -19.04 -43.16 17.41
N TYR A 157 -18.40 -42.03 17.18
CA TYR A 157 -16.96 -41.99 17.24
C TYR A 157 -16.50 -40.82 18.08
N PHE A 158 -15.25 -40.91 18.52
CA PHE A 158 -14.59 -39.88 19.32
C PHE A 158 -13.10 -40.15 19.32
N PRO A 159 -12.26 -39.14 19.22
CA PRO A 159 -12.59 -37.73 19.04
C PRO A 159 -12.72 -37.44 17.57
N GLU A 160 -12.83 -36.17 17.22
CA GLU A 160 -12.72 -35.79 15.84
C GLU A 160 -11.26 -35.88 15.41
N PRO A 161 -10.97 -35.97 14.09
CA PRO A 161 -11.88 -35.98 12.95
C PRO A 161 -11.92 -37.33 12.24
N VAL A 162 -12.79 -37.39 11.24
CA VAL A 162 -13.01 -38.55 10.41
C VAL A 162 -13.13 -38.12 8.96
N THR A 163 -12.54 -38.88 8.05
CA THR A 163 -12.59 -38.58 6.62
C THR A 163 -13.42 -39.59 5.84
N VAL A 164 -14.32 -39.10 5.00
CA VAL A 164 -15.09 -39.95 4.10
C VAL A 164 -14.70 -39.64 2.68
N SER A 165 -14.41 -40.70 1.92
CA SER A 165 -14.17 -40.60 0.49
C SER A 165 -15.05 -41.62 -0.24
N TRP A 166 -15.15 -41.51 -1.57
CA TRP A 166 -16.01 -42.38 -2.34
C TRP A 166 -15.23 -43.05 -3.47
N ASN A 167 -15.39 -44.37 -3.60
CA ASN A 167 -14.73 -45.16 -4.64
C ASN A 167 -13.23 -44.88 -4.62
N SER A 168 -12.67 -44.83 -3.40
CA SER A 168 -11.26 -44.56 -3.17
C SER A 168 -10.86 -43.26 -3.86
N GLY A 169 -11.76 -42.29 -3.80
CA GLY A 169 -11.55 -40.97 -4.35
C GLY A 169 -11.99 -40.78 -5.79
N ALA A 170 -12.44 -41.83 -6.48
CA ALA A 170 -12.77 -41.71 -7.90
C ALA A 170 -14.14 -41.10 -8.14
N LEU A 171 -14.94 -40.92 -7.09
CA LEU A 171 -16.22 -40.23 -7.21
C LEU A 171 -16.23 -39.05 -6.24
N THR A 172 -16.36 -37.85 -6.79
CA THR A 172 -16.28 -36.63 -5.99
C THR A 172 -17.45 -35.69 -6.25
N SER A 173 -18.00 -35.70 -7.46
CA SER A 173 -19.05 -34.74 -7.80
C SER A 173 -20.34 -35.09 -7.08
N GLY A 174 -21.00 -34.09 -6.47
CA GLY A 174 -22.25 -34.37 -5.79
C GLY A 174 -22.13 -34.98 -4.40
N VAL A 175 -20.94 -35.03 -3.84
CA VAL A 175 -20.73 -35.54 -2.50
C VAL A 175 -20.97 -34.43 -1.49
N HIS A 176 -21.77 -34.69 -0.47
CA HIS A 176 -21.79 -33.84 0.72
C HIS A 176 -21.46 -34.68 1.95
N THR A 177 -20.35 -34.34 2.60
CA THR A 177 -19.96 -34.87 3.89
C THR A 177 -20.35 -33.88 4.97
N PHE A 178 -21.27 -34.27 5.83
CA PHE A 178 -21.79 -33.24 6.70
C PHE A 178 -20.88 -32.99 7.89
N PRO A 179 -20.94 -31.80 8.48
CA PRO A 179 -20.24 -31.58 9.74
C PRO A 179 -20.70 -32.57 10.80
N ALA A 180 -19.75 -33.02 11.61
CA ALA A 180 -20.10 -33.93 12.70
C ALA A 180 -20.99 -33.21 13.70
N VAL A 181 -21.80 -33.99 14.38
CA VAL A 181 -22.75 -33.53 15.40
C VAL A 181 -22.45 -34.32 16.66
N LEU A 182 -22.43 -33.64 17.78
CA LEU A 182 -22.14 -34.28 19.04
C LEU A 182 -23.44 -34.78 19.62
N GLN A 183 -23.52 -36.09 19.83
CA GLN A 183 -24.76 -36.60 20.36
C GLN A 183 -24.73 -36.43 21.86
N SER A 184 -25.89 -36.57 22.48
CA SER A 184 -25.98 -36.46 23.93
C SER A 184 -25.15 -37.52 24.63
N SER A 185 -24.76 -38.58 23.91
CA SER A 185 -23.94 -39.64 24.48
C SER A 185 -22.49 -39.26 24.58
N GLY A 186 -22.10 -38.11 24.06
CA GLY A 186 -20.70 -37.75 24.00
C GLY A 186 -19.97 -38.26 22.79
N LEU A 187 -20.62 -39.01 21.92
CA LEU A 187 -20.00 -39.47 20.67
C LEU A 187 -20.44 -38.63 19.49
N TYR A 188 -19.52 -38.43 18.54
CA TYR A 188 -19.88 -37.69 17.35
C TYR A 188 -20.58 -38.58 16.32
N SER A 189 -21.25 -37.93 15.39
CA SER A 189 -21.84 -38.71 14.31
C SER A 189 -22.03 -37.83 13.09
N LEU A 190 -21.68 -38.35 11.92
CA LEU A 190 -21.93 -37.63 10.69
C LEU A 190 -22.36 -38.61 9.61
N SER A 191 -22.98 -38.08 8.57
CA SER A 191 -23.16 -38.88 7.38
C SER A 191 -22.55 -38.15 6.19
N SER A 192 -22.18 -38.95 5.19
CA SER A 192 -21.72 -38.47 3.89
C SER A 192 -22.70 -38.98 2.83
N VAL A 193 -23.12 -38.11 1.91
CA VAL A 193 -24.14 -38.44 0.93
C VAL A 193 -23.68 -38.00 -0.45
N VAL A 194 -24.25 -38.65 -1.46
CA VAL A 194 -23.92 -38.37 -2.85
C VAL A 194 -25.13 -38.67 -3.73
N THR A 195 -25.34 -37.85 -4.74
CA THR A 195 -26.38 -38.09 -5.73
C THR A 195 -25.78 -38.66 -7.01
N VAL A 196 -26.51 -39.62 -7.59
CA VAL A 196 -26.03 -40.32 -8.79
C VAL A 196 -27.21 -40.60 -9.69
N PRO A 197 -26.95 -40.75 -10.99
CA PRO A 197 -28.00 -41.20 -11.90
C PRO A 197 -28.66 -42.45 -11.36
N SER A 198 -29.99 -42.49 -11.42
CA SER A 198 -30.70 -43.67 -10.94
C SER A 198 -30.32 -44.91 -11.73
N SER A 199 -29.95 -44.77 -13.01
CA SER A 199 -29.56 -45.93 -13.80
C SER A 199 -28.17 -46.41 -13.46
N SER A 200 -27.37 -45.59 -12.77
CA SER A 200 -26.04 -46.03 -12.39
C SER A 200 -26.09 -47.12 -11.32
N LEU A 201 -27.21 -47.27 -10.61
CA LEU A 201 -27.34 -48.36 -9.64
C LEU A 201 -27.31 -49.68 -10.41
N GLY A 202 -26.71 -50.70 -9.81
CA GLY A 202 -26.58 -51.98 -10.47
C GLY A 202 -25.49 -51.99 -11.54
N THR A 203 -25.14 -50.82 -12.07
CA THR A 203 -24.10 -50.70 -13.07
C THR A 203 -22.89 -49.93 -12.55
N GLN A 204 -22.97 -49.46 -11.31
CA GLN A 204 -21.86 -48.77 -10.68
C GLN A 204 -21.78 -49.29 -9.25
N THR A 205 -20.58 -49.61 -8.80
CA THR A 205 -20.41 -49.97 -7.41
C THR A 205 -20.07 -48.70 -6.65
N TYR A 206 -20.72 -48.47 -5.53
CA TYR A 206 -20.42 -47.31 -4.71
C TYR A 206 -19.92 -47.79 -3.35
N ILE A 207 -18.67 -47.45 -3.03
CA ILE A 207 -18.03 -47.82 -1.78
C ILE A 207 -17.58 -46.55 -1.10
N CYS A 208 -18.00 -46.34 0.14
CA CYS A 208 -17.47 -45.23 0.90
C CYS A 208 -16.32 -45.72 1.78
N ASN A 209 -15.23 -44.98 1.78
CA ASN A 209 -14.02 -45.30 2.53
C ASN A 209 -13.95 -44.36 3.73
N VAL A 210 -14.22 -44.90 4.91
CA VAL A 210 -14.18 -44.13 6.14
C VAL A 210 -12.84 -44.39 6.82
N ASN A 211 -12.15 -43.32 7.19
CA ASN A 211 -10.87 -43.40 7.89
C ASN A 211 -10.97 -42.53 9.14
N HIS A 212 -10.82 -43.15 10.31
CA HIS A 212 -10.77 -42.44 11.59
C HIS A 212 -9.40 -42.68 12.24
N LYS A 213 -8.45 -41.79 11.96
CA LYS A 213 -7.08 -41.94 12.42
C LYS A 213 -6.93 -41.96 13.94
N PRO A 214 -7.67 -41.19 14.73
CA PRO A 214 -7.46 -41.26 16.19
C PRO A 214 -7.59 -42.66 16.79
N SER A 215 -8.21 -43.62 16.06
CA SER A 215 -8.31 -45.01 16.49
C SER A 215 -7.86 -45.99 15.41
N ASN A 216 -7.17 -45.53 14.36
CA ASN A 216 -6.72 -46.41 13.28
C ASN A 216 -7.84 -47.32 12.77
N THR A 217 -9.00 -46.74 12.54
CA THR A 217 -10.12 -47.50 11.99
C THR A 217 -10.25 -47.10 10.52
N LYS A 218 -10.18 -48.09 9.65
CA LYS A 218 -10.50 -47.93 8.23
C LYS A 218 -11.63 -48.89 7.92
N VAL A 219 -12.74 -48.37 7.43
CA VAL A 219 -13.89 -49.17 7.04
C VAL A 219 -14.28 -48.79 5.62
N ASP A 220 -14.41 -49.78 4.75
CA ASP A 220 -14.99 -49.60 3.43
C ASP A 220 -16.39 -50.19 3.47
N LYS A 221 -17.37 -49.46 2.99
CA LYS A 221 -18.74 -49.95 2.99
C LYS A 221 -19.24 -49.83 1.56
N LYS A 222 -19.59 -50.97 0.96
CA LYS A 222 -20.28 -50.93 -0.33
C LYS A 222 -21.76 -50.74 -0.07
N VAL A 223 -22.38 -49.77 -0.77
CA VAL A 223 -23.77 -49.36 -0.52
C VAL A 223 -24.63 -49.67 -1.74
N GLU A 224 -25.74 -50.37 -1.50
CA GLU A 224 -26.63 -50.83 -2.55
C GLU A 224 -28.08 -50.61 -2.14
N PRO A 225 -29.00 -50.66 -3.10
CA PRO A 225 -30.43 -50.78 -2.74
C PRO A 225 -30.65 -52.07 -1.97
N LYS A 226 -31.62 -52.05 -1.05
CA LYS A 226 -31.88 -53.25 -0.27
C LYS A 226 -32.46 -54.35 -1.17
N SER A 227 -32.50 -55.56 -0.64
CA SER A 227 -32.82 -56.75 -1.41
C SER A 227 -34.21 -57.23 -1.06
N CYS A 228 -34.93 -57.71 -2.08
CA CYS A 228 -36.32 -58.16 -1.95
C CYS A 228 -37.15 -57.14 -1.14
N SER B 1 -4.33 -2.70 28.80
CA SER B 1 -3.18 -3.56 28.56
C SER B 1 -3.17 -4.09 27.12
N ASP B 2 -3.75 -5.26 26.92
CA ASP B 2 -3.77 -5.87 25.59
C ASP B 2 -4.55 -4.98 24.63
N ILE B 3 -4.10 -4.91 23.39
CA ILE B 3 -4.80 -4.18 22.34
C ILE B 3 -5.93 -5.04 21.81
N GLN B 4 -7.14 -4.49 21.80
CA GLN B 4 -8.33 -5.21 21.35
C GLN B 4 -8.72 -4.77 19.94
N MET B 5 -8.95 -5.74 19.07
CA MET B 5 -9.43 -5.51 17.72
C MET B 5 -10.92 -5.86 17.63
N THR B 6 -11.76 -4.87 17.37
CA THR B 6 -13.20 -5.07 17.32
C THR B 6 -13.69 -5.04 15.89
N GLN B 7 -14.28 -6.13 15.44
CA GLN B 7 -14.61 -6.34 14.04
C GLN B 7 -16.13 -6.34 13.82
N SER B 8 -16.56 -5.74 12.72
CA SER B 8 -17.99 -5.65 12.45
C SER B 8 -18.21 -5.66 10.94
N PRO B 9 -19.34 -6.17 10.49
CA PRO B 9 -20.33 -6.93 11.27
C PRO B 9 -19.68 -8.26 11.62
N SER B 10 -20.23 -9.06 12.53
CA SER B 10 -19.61 -10.36 12.74
C SER B 10 -19.97 -11.35 11.64
N SER B 11 -21.00 -11.03 10.85
CA SER B 11 -21.36 -11.84 9.70
C SER B 11 -22.07 -10.93 8.72
N LEU B 12 -21.96 -11.26 7.43
CA LEU B 12 -22.70 -10.49 6.46
C LEU B 12 -22.95 -11.34 5.21
N SER B 13 -24.01 -10.98 4.48
CA SER B 13 -24.36 -11.58 3.20
C SER B 13 -24.46 -10.51 2.13
N ALA B 14 -23.96 -10.82 0.93
CA ALA B 14 -24.15 -9.96 -0.22
C ALA B 14 -24.00 -10.82 -1.47
N SER B 15 -24.45 -10.26 -2.60
CA SER B 15 -24.48 -10.98 -3.87
C SER B 15 -23.33 -10.54 -4.76
N VAL B 16 -23.10 -11.31 -5.83
CA VAL B 16 -21.93 -11.10 -6.67
C VAL B 16 -21.96 -9.72 -7.34
N GLY B 17 -20.80 -9.07 -7.38
CA GLY B 17 -20.66 -7.71 -7.83
C GLY B 17 -20.81 -6.67 -6.75
N ASP B 18 -21.34 -7.03 -5.58
CA ASP B 18 -21.49 -6.04 -4.53
C ASP B 18 -20.12 -5.62 -3.97
N ARG B 19 -20.10 -4.43 -3.38
CA ARG B 19 -18.95 -3.96 -2.64
C ARG B 19 -19.23 -4.21 -1.17
N VAL B 20 -18.42 -5.04 -0.59
CA VAL B 20 -18.42 -5.38 0.83
C VAL B 20 -17.30 -4.61 1.50
N THR B 21 -17.56 -4.11 2.71
CA THR B 21 -16.48 -3.54 3.52
C THR B 21 -16.62 -4.05 4.94
N ILE B 22 -15.52 -4.56 5.47
CA ILE B 22 -15.43 -5.06 6.82
C ILE B 22 -14.58 -4.07 7.59
N THR B 23 -15.03 -3.65 8.73
CA THR B 23 -14.25 -2.71 9.51
C THR B 23 -13.70 -3.41 10.73
N CYS B 24 -12.74 -2.77 11.37
CA CYS B 24 -12.08 -3.36 12.53
C CYS B 24 -11.37 -2.26 13.27
N ARG B 25 -11.78 -1.99 14.51
CA ARG B 25 -11.30 -0.81 15.22
C ARG B 25 -10.36 -1.23 16.34
N ALA B 26 -9.12 -0.76 16.27
CA ALA B 26 -8.15 -1.10 17.31
C ALA B 26 -8.27 -0.16 18.49
N SER B 27 -8.56 -0.71 19.66
CA SER B 27 -8.55 0.03 20.92
C SER B 27 -7.10 0.38 21.25
N GLN B 28 -6.79 1.67 21.21
CA GLN B 28 -5.45 2.27 21.30
C GLN B 28 -4.68 2.00 20.00
N SER B 29 -3.65 2.81 19.72
CA SER B 29 -3.02 2.86 18.40
C SER B 29 -2.12 1.66 18.13
N VAL B 30 -2.10 1.25 16.87
CA VAL B 30 -1.31 0.13 16.36
C VAL B 30 -0.53 0.63 15.15
N SER B 31 -0.57 1.96 14.96
CA SER B 31 -0.06 2.63 13.77
C SER B 31 -0.57 1.90 12.53
N SER B 32 0.30 1.25 11.75
CA SER B 32 -0.16 0.63 10.51
C SER B 32 0.08 -0.89 10.46
N ALA B 33 0.33 -1.54 11.60
CA ALA B 33 0.71 -2.95 11.63
C ALA B 33 -0.52 -3.87 11.67
N VAL B 34 -1.34 -3.76 10.65
CA VAL B 34 -2.56 -4.55 10.58
C VAL B 34 -2.50 -5.45 9.37
N ALA B 35 -2.88 -6.73 9.55
CA ALA B 35 -3.01 -7.64 8.41
C ALA B 35 -4.45 -8.15 8.30
N TRP B 36 -4.86 -8.48 7.08
CA TRP B 36 -6.17 -9.13 6.88
C TRP B 36 -5.93 -10.51 6.28
N TYR B 37 -6.75 -11.48 6.69
CA TYR B 37 -6.56 -12.86 6.25
C TYR B 37 -7.89 -13.42 5.81
N GLN B 38 -7.85 -14.30 4.81
CA GLN B 38 -9.02 -15.02 4.36
C GLN B 38 -8.90 -16.47 4.81
N GLN B 39 -9.88 -16.97 5.56
CA GLN B 39 -9.85 -18.36 5.98
C GLN B 39 -11.08 -19.03 5.44
N LYS B 40 -10.84 -19.99 4.63
CA LYS B 40 -11.98 -20.74 4.19
C LYS B 40 -12.21 -21.93 5.13
N PRO B 41 -13.48 -22.29 5.31
CA PRO B 41 -13.81 -23.26 6.37
C PRO B 41 -13.03 -24.55 6.21
N GLY B 42 -12.39 -24.97 7.30
CA GLY B 42 -11.55 -26.14 7.26
C GLY B 42 -10.13 -25.94 6.77
N LYS B 43 -9.70 -24.71 6.48
CA LYS B 43 -8.41 -24.48 5.81
C LYS B 43 -7.56 -23.48 6.57
N ALA B 44 -6.27 -23.47 6.30
CA ALA B 44 -5.47 -22.45 6.95
C ALA B 44 -5.83 -21.08 6.39
N PRO B 45 -5.68 -20.03 7.20
CA PRO B 45 -5.84 -18.67 6.68
C PRO B 45 -4.83 -18.36 5.60
N LYS B 46 -5.24 -17.47 4.69
CA LYS B 46 -4.33 -16.91 3.70
C LYS B 46 -4.23 -15.40 3.86
N LEU B 47 -3.00 -14.88 3.92
CA LEU B 47 -2.76 -13.44 4.01
C LEU B 47 -3.32 -12.68 2.81
N LEU B 48 -3.96 -11.54 3.06
CA LEU B 48 -4.52 -10.70 2.00
C LEU B 48 -3.86 -9.33 1.95
N ILE B 49 -3.85 -8.62 3.08
CA ILE B 49 -3.29 -7.29 3.22
C ILE B 49 -2.27 -7.33 4.35
N TYR B 50 -1.18 -6.59 4.19
CA TYR B 50 -0.26 -6.28 5.27
C TYR B 50 0.01 -4.78 5.33
N SER B 51 0.52 -4.34 6.48
CA SER B 51 0.79 -2.94 6.74
C SER B 51 -0.43 -2.10 6.41
N ALA B 52 -1.59 -2.69 6.72
CA ALA B 52 -2.91 -2.07 6.71
C ALA B 52 -3.43 -1.81 5.30
N SER B 53 -2.55 -1.65 4.31
CA SER B 53 -3.06 -1.22 3.01
C SER B 53 -2.25 -1.73 1.84
N SER B 54 -1.33 -2.65 2.03
CA SER B 54 -0.49 -3.18 0.95
C SER B 54 -1.03 -4.54 0.54
N LEU B 55 -1.16 -4.73 -0.77
CA LEU B 55 -1.73 -5.91 -1.37
C LEU B 55 -0.68 -7.00 -1.46
N TYR B 56 -0.91 -8.11 -0.76
CA TYR B 56 0.05 -9.19 -0.79
C TYR B 56 0.09 -9.80 -2.19
N SER B 57 1.29 -10.15 -2.64
CA SER B 57 1.48 -10.69 -3.98
C SER B 57 0.63 -11.94 -4.22
N GLY B 58 0.04 -12.03 -5.39
CA GLY B 58 -0.85 -13.14 -5.71
C GLY B 58 -2.32 -12.93 -5.36
N VAL B 59 -2.65 -11.89 -4.61
CA VAL B 59 -4.03 -11.66 -4.18
C VAL B 59 -4.73 -10.78 -5.19
N PRO B 60 -5.99 -11.04 -5.55
CA PRO B 60 -6.65 -10.22 -6.59
C PRO B 60 -6.79 -8.79 -6.15
N SER B 61 -6.65 -7.87 -7.10
CA SER B 61 -6.73 -6.45 -6.79
C SER B 61 -8.13 -6.00 -6.36
N ARG B 62 -9.17 -6.83 -6.54
CA ARG B 62 -10.46 -6.43 -5.99
C ARG B 62 -10.43 -6.38 -4.46
N PHE B 63 -9.37 -6.84 -3.83
CA PHE B 63 -9.18 -6.70 -2.39
C PHE B 63 -8.35 -5.46 -2.11
N SER B 64 -8.75 -4.68 -1.12
CA SER B 64 -7.89 -3.59 -0.68
C SER B 64 -8.18 -3.31 0.79
N GLY B 65 -7.20 -2.65 1.42
CA GLY B 65 -7.32 -2.29 2.81
C GLY B 65 -6.97 -0.84 2.97
N SER B 66 -7.64 -0.18 3.90
CA SER B 66 -7.31 1.20 4.17
C SER B 66 -7.31 1.43 5.67
N ARG B 67 -6.62 2.49 6.08
CA ARG B 67 -6.49 2.85 7.47
C ARG B 67 -6.92 4.28 7.65
N SER B 68 -7.64 4.54 8.73
CA SER B 68 -7.93 5.93 9.12
C SER B 68 -7.91 5.97 10.64
N GLY B 69 -6.79 6.41 11.21
CA GLY B 69 -6.59 6.44 12.65
C GLY B 69 -6.44 5.04 13.22
N THR B 70 -7.37 4.63 14.07
CA THR B 70 -7.37 3.29 14.61
C THR B 70 -8.44 2.43 13.94
N ASP B 71 -9.00 2.92 12.83
CA ASP B 71 -9.99 2.18 12.08
C ASP B 71 -9.38 1.58 10.81
N PHE B 72 -9.66 0.30 10.55
CA PHE B 72 -9.14 -0.45 9.41
C PHE B 72 -10.28 -1.08 8.64
N THR B 73 -10.28 -0.97 7.32
CA THR B 73 -11.35 -1.56 6.52
C THR B 73 -10.72 -2.47 5.50
N LEU B 74 -11.22 -3.68 5.38
CA LEU B 74 -10.98 -4.49 4.22
C LEU B 74 -12.15 -4.30 3.25
N THR B 75 -11.85 -3.98 2.00
CA THR B 75 -12.85 -3.78 0.96
C THR B 75 -12.67 -4.80 -0.15
N ILE B 76 -13.77 -5.41 -0.59
CA ILE B 76 -13.79 -6.22 -1.79
C ILE B 76 -14.67 -5.49 -2.78
N SER B 77 -14.07 -4.98 -3.85
CA SER B 77 -14.82 -4.03 -4.68
C SER B 77 -15.91 -4.71 -5.51
N SER B 78 -15.76 -5.99 -5.80
CA SER B 78 -16.64 -6.68 -6.74
C SER B 78 -16.60 -8.16 -6.34
N LEU B 79 -17.61 -8.58 -5.59
CA LEU B 79 -17.57 -9.85 -4.91
C LEU B 79 -17.62 -11.01 -5.90
N GLN B 80 -16.74 -11.82 -5.80
CA GLN B 80 -16.78 -13.07 -6.55
C GLN B 80 -17.33 -14.20 -5.69
N PRO B 81 -17.94 -15.23 -6.27
CA PRO B 81 -18.46 -16.33 -5.43
C PRO B 81 -17.37 -16.98 -4.59
N GLU B 82 -16.14 -17.08 -5.11
CA GLU B 82 -15.12 -17.72 -4.28
C GLU B 82 -14.67 -16.87 -3.19
N ASP B 83 -15.30 -15.75 -2.87
CA ASP B 83 -14.87 -14.94 -1.76
C ASP B 83 -15.65 -15.26 -0.51
N PHE B 84 -16.52 -16.27 -0.56
CA PHE B 84 -17.10 -16.80 0.67
C PHE B 84 -16.01 -17.36 1.56
N ALA B 85 -15.88 -16.78 2.74
CA ALA B 85 -14.81 -17.15 3.66
C ALA B 85 -15.09 -16.42 4.97
N THR B 86 -14.24 -16.64 5.95
CA THR B 86 -14.20 -15.79 7.12
C THR B 86 -12.95 -14.93 7.03
N TYR B 87 -13.06 -13.65 7.38
CA TYR B 87 -11.98 -12.69 7.24
C TYR B 87 -11.60 -12.13 8.61
N TYR B 88 -10.29 -12.12 8.90
CA TYR B 88 -9.77 -11.69 10.19
C TYR B 88 -8.80 -10.53 10.02
N CYS B 89 -8.92 -9.51 10.86
CA CYS B 89 -7.87 -8.51 10.99
C CYS B 89 -6.89 -8.96 12.07
N GLN B 90 -5.74 -8.29 12.13
CA GLN B 90 -4.70 -8.66 13.10
C GLN B 90 -3.77 -7.48 13.33
N GLN B 91 -3.53 -7.13 14.60
CA GLN B 91 -2.55 -6.12 14.93
C GLN B 91 -1.25 -6.83 15.29
N SER B 92 -0.16 -6.29 14.79
CA SER B 92 1.14 -6.82 15.13
C SER B 92 2.06 -5.69 15.55
N TYR B 93 1.47 -4.66 16.17
CA TYR B 93 2.22 -3.51 16.64
C TYR B 93 2.88 -3.79 17.96
N SER B 94 2.28 -4.63 18.78
CA SER B 94 2.92 -5.01 20.03
C SER B 94 2.39 -6.37 20.47
N PHE B 95 3.22 -7.07 21.16
CA PHE B 95 2.76 -8.32 21.69
C PHE B 95 1.92 -8.06 22.93
N PRO B 96 0.97 -8.93 23.21
CA PRO B 96 0.60 -10.10 22.41
C PRO B 96 -0.11 -9.71 21.14
N SER B 97 0.13 -10.43 20.06
CA SER B 97 -0.63 -10.22 18.84
C SER B 97 -2.11 -10.44 19.09
N THR B 98 -2.94 -9.76 18.31
CA THR B 98 -4.38 -9.84 18.52
C THR B 98 -5.10 -10.02 17.20
N PHE B 99 -6.11 -10.88 17.20
CA PHE B 99 -7.00 -11.03 16.06
C PHE B 99 -8.37 -10.47 16.41
N GLY B 100 -9.03 -9.96 15.42
CA GLY B 100 -10.44 -9.70 15.56
C GLY B 100 -11.21 -10.99 15.50
N GLN B 101 -12.48 -10.91 15.89
CA GLN B 101 -13.35 -12.07 15.87
C GLN B 101 -13.67 -12.57 14.48
N GLY B 102 -13.40 -11.82 13.46
CA GLY B 102 -13.76 -12.47 12.21
C GLY B 102 -15.07 -11.95 11.67
N THR B 103 -15.19 -12.03 10.35
CA THR B 103 -16.41 -11.66 9.65
C THR B 103 -16.66 -12.78 8.65
N LYS B 104 -17.81 -13.44 8.77
CA LYS B 104 -18.14 -14.55 7.91
C LYS B 104 -18.97 -13.98 6.79
N VAL B 105 -18.53 -14.17 5.56
CA VAL B 105 -19.25 -13.59 4.43
C VAL B 105 -19.79 -14.72 3.56
N GLU B 106 -21.08 -14.66 3.23
CA GLU B 106 -21.74 -15.67 2.42
C GLU B 106 -22.44 -14.98 1.25
N ILE B 107 -22.71 -15.74 0.19
CA ILE B 107 -23.18 -15.21 -1.08
C ILE B 107 -24.71 -15.24 -1.16
N LYS B 108 -25.31 -14.08 -1.46
CA LYS B 108 -26.72 -14.04 -1.83
C LYS B 108 -26.89 -14.66 -3.23
N ARG B 109 -28.03 -15.33 -3.43
CA ARG B 109 -28.33 -15.93 -4.72
C ARG B 109 -29.84 -16.20 -4.80
N THR B 110 -30.28 -16.59 -5.99
CA THR B 110 -31.71 -16.82 -6.22
C THR B 110 -32.20 -18.02 -5.42
N VAL B 111 -33.43 -17.94 -4.94
CA VAL B 111 -34.01 -19.00 -4.13
C VAL B 111 -33.89 -20.32 -4.87
N ALA B 112 -33.57 -21.39 -4.14
CA ALA B 112 -33.42 -22.73 -4.72
C ALA B 112 -34.04 -23.76 -3.79
N ALA B 113 -35.00 -24.52 -4.31
CA ALA B 113 -35.72 -25.51 -3.53
C ALA B 113 -34.81 -26.67 -3.15
N PRO B 114 -34.94 -27.18 -1.92
CA PRO B 114 -34.27 -28.45 -1.60
C PRO B 114 -34.97 -29.60 -2.29
N SER B 115 -34.19 -30.64 -2.58
CA SER B 115 -34.74 -31.93 -2.99
C SER B 115 -34.55 -32.91 -1.84
N VAL B 116 -35.66 -33.47 -1.38
CA VAL B 116 -35.73 -34.21 -0.14
C VAL B 116 -35.61 -35.70 -0.44
N PHE B 117 -34.72 -36.36 0.29
CA PHE B 117 -34.63 -37.81 0.29
C PHE B 117 -34.77 -38.29 1.72
N ILE B 118 -35.40 -39.44 1.89
CA ILE B 118 -35.45 -40.06 3.22
C ILE B 118 -34.76 -41.41 3.17
N PHE B 119 -34.15 -41.80 4.28
CA PHE B 119 -33.33 -43.01 4.35
C PHE B 119 -33.72 -43.79 5.61
N PRO B 120 -34.16 -45.03 5.49
CA PRO B 120 -34.53 -45.80 6.68
C PRO B 120 -33.30 -46.41 7.33
N PRO B 121 -33.39 -46.84 8.59
CA PRO B 121 -32.26 -47.52 9.23
C PRO B 121 -31.87 -48.80 8.51
N SER B 122 -30.56 -49.03 8.43
CA SER B 122 -30.04 -50.24 7.81
C SER B 122 -30.30 -51.44 8.70
N ASP B 123 -30.35 -52.61 8.08
CA ASP B 123 -30.52 -53.82 8.87
C ASP B 123 -29.36 -54.00 9.84
N GLU B 124 -28.14 -53.66 9.41
CA GLU B 124 -26.96 -53.86 10.28
C GLU B 124 -27.09 -53.07 11.57
N GLN B 125 -27.56 -51.83 11.49
CA GLN B 125 -27.66 -51.00 12.67
C GLN B 125 -28.72 -51.52 13.63
N LEU B 126 -29.84 -51.96 13.09
CA LEU B 126 -30.89 -52.54 13.92
C LEU B 126 -30.41 -53.80 14.65
N LYS B 127 -29.38 -54.48 14.14
CA LYS B 127 -28.79 -55.56 14.93
C LYS B 127 -28.39 -55.04 16.30
N SER B 128 -27.72 -53.89 16.32
CA SER B 128 -27.16 -53.31 17.52
C SER B 128 -28.21 -52.81 18.50
N GLY B 129 -29.47 -52.69 18.08
CA GLY B 129 -30.51 -52.20 18.95
C GLY B 129 -30.85 -50.74 18.83
N THR B 130 -30.42 -50.06 17.76
CA THR B 130 -30.68 -48.64 17.56
C THR B 130 -31.08 -48.34 16.12
N ALA B 131 -31.94 -47.34 15.93
CA ALA B 131 -32.40 -46.94 14.60
C ALA B 131 -32.14 -45.47 14.35
N SER B 132 -31.47 -45.16 13.24
CA SER B 132 -31.25 -43.80 12.81
C SER B 132 -31.98 -43.61 11.49
N VAL B 133 -32.91 -42.66 11.45
CA VAL B 133 -33.65 -42.27 10.25
C VAL B 133 -33.12 -40.92 9.81
N VAL B 134 -32.65 -40.86 8.56
CA VAL B 134 -31.98 -39.69 8.00
C VAL B 134 -32.88 -39.06 6.95
N CYS B 135 -33.04 -37.75 7.04
CA CYS B 135 -33.70 -36.98 6.01
C CYS B 135 -32.66 -36.08 5.38
N LEU B 136 -32.58 -36.09 4.06
CA LEU B 136 -31.61 -35.26 3.34
C LEU B 136 -32.31 -34.11 2.62
N LEU B 137 -31.81 -32.90 2.81
CA LEU B 137 -32.20 -31.75 2.02
C LEU B 137 -31.01 -31.30 1.21
N ASN B 138 -31.14 -31.36 -0.10
CA ASN B 138 -29.99 -31.22 -0.99
C ASN B 138 -30.03 -29.90 -1.76
N ASN B 139 -28.91 -29.16 -1.72
CA ASN B 139 -28.63 -28.04 -2.63
C ASN B 139 -29.76 -27.03 -2.68
N PHE B 140 -29.96 -26.34 -1.56
CA PHE B 140 -31.03 -25.34 -1.51
C PHE B 140 -30.46 -23.99 -1.08
N TYR B 141 -31.33 -22.96 -1.17
CA TYR B 141 -31.06 -21.59 -0.76
C TYR B 141 -32.39 -20.88 -0.62
N PRO B 142 -32.61 -20.05 0.42
CA PRO B 142 -31.71 -19.68 1.52
C PRO B 142 -31.51 -20.79 2.52
N ARG B 143 -30.75 -20.46 3.55
CA ARG B 143 -30.33 -21.48 4.51
C ARG B 143 -31.50 -21.95 5.35
N GLU B 144 -32.39 -21.04 5.71
CA GLU B 144 -33.49 -21.40 6.60
C GLU B 144 -34.40 -22.42 5.92
N ALA B 145 -34.56 -23.57 6.58
CA ALA B 145 -35.55 -24.58 6.26
C ALA B 145 -36.14 -25.08 7.58
N LYS B 146 -37.28 -25.74 7.54
CA LYS B 146 -37.78 -26.40 8.73
C LYS B 146 -38.17 -27.83 8.39
N VAL B 147 -37.63 -28.75 9.16
CA VAL B 147 -37.81 -30.18 8.96
C VAL B 147 -38.54 -30.71 10.18
N GLN B 148 -39.69 -31.33 9.97
CA GLN B 148 -40.44 -31.96 11.04
C GLN B 148 -40.54 -33.45 10.77
N TRP B 149 -40.27 -34.25 11.80
CA TRP B 149 -40.43 -35.69 11.70
C TRP B 149 -41.82 -36.07 12.19
N LYS B 150 -42.51 -36.91 11.44
CA LYS B 150 -43.77 -37.46 11.89
C LYS B 150 -43.66 -38.97 11.90
N VAL B 151 -44.10 -39.58 12.99
CA VAL B 151 -44.11 -41.04 13.09
C VAL B 151 -45.56 -41.42 13.30
N ASP B 152 -46.19 -41.92 12.23
CA ASP B 152 -47.64 -42.10 12.20
C ASP B 152 -48.33 -40.79 12.53
N ASN B 153 -47.78 -39.67 12.00
CA ASN B 153 -48.39 -38.34 12.09
C ASN B 153 -48.28 -37.73 13.46
N ALA B 154 -47.54 -38.36 14.35
CA ALA B 154 -47.24 -37.78 15.66
C ALA B 154 -45.98 -36.95 15.46
N LEU B 155 -46.14 -35.63 15.48
CA LEU B 155 -44.99 -34.76 15.34
C LEU B 155 -43.98 -35.11 16.42
N GLN B 156 -42.75 -35.36 16.02
CA GLN B 156 -41.71 -35.83 16.91
C GLN B 156 -40.98 -34.66 17.55
N SER B 157 -40.63 -34.80 18.83
CA SER B 157 -39.88 -33.75 19.50
C SER B 157 -38.66 -34.29 20.23
N GLY B 158 -37.55 -33.58 20.07
CA GLY B 158 -36.42 -33.78 20.95
C GLY B 158 -35.60 -35.02 20.70
N ASN B 159 -35.74 -35.66 19.55
CA ASN B 159 -34.99 -36.87 19.27
C ASN B 159 -34.39 -36.82 17.87
N SER B 160 -34.11 -35.62 17.38
CA SER B 160 -33.40 -35.50 16.12
C SER B 160 -32.43 -34.33 16.17
N GLN B 161 -31.39 -34.41 15.36
CA GLN B 161 -30.36 -33.38 15.32
C GLN B 161 -30.08 -33.06 13.86
N GLU B 162 -29.73 -31.80 13.61
CA GLU B 162 -29.48 -31.38 12.25
C GLU B 162 -28.01 -31.09 12.07
N SER B 163 -27.60 -31.05 10.81
CA SER B 163 -26.29 -30.63 10.38
C SER B 163 -26.41 -29.99 8.98
N VAL B 164 -25.64 -28.91 8.75
CA VAL B 164 -25.75 -28.16 7.50
C VAL B 164 -24.35 -27.96 6.92
N THR B 165 -24.22 -28.19 5.62
CA THR B 165 -22.92 -27.99 5.01
C THR B 165 -22.59 -26.52 4.98
N GLU B 166 -21.30 -26.22 4.89
CA GLU B 166 -20.86 -24.89 4.55
C GLU B 166 -21.48 -24.45 3.24
N GLN B 167 -21.64 -23.15 3.10
CA GLN B 167 -22.19 -22.66 1.85
C GLN B 167 -21.28 -23.08 0.72
N ASP B 168 -21.86 -23.64 -0.33
CA ASP B 168 -21.07 -24.01 -1.49
C ASP B 168 -20.42 -22.74 -2.03
N SER B 169 -19.09 -22.70 -2.10
CA SER B 169 -18.49 -21.47 -2.61
C SER B 169 -18.75 -21.28 -4.11
N LYS B 170 -19.14 -22.36 -4.81
CA LYS B 170 -19.41 -22.32 -6.24
C LYS B 170 -20.80 -21.77 -6.58
N ASP B 171 -21.85 -22.48 -6.19
CA ASP B 171 -23.22 -22.10 -6.50
C ASP B 171 -23.98 -21.65 -5.25
N SER B 172 -23.30 -21.54 -4.12
CA SER B 172 -23.84 -20.93 -2.90
C SER B 172 -25.05 -21.67 -2.37
N THR B 173 -25.17 -22.97 -2.67
CA THR B 173 -26.28 -23.72 -2.09
C THR B 173 -25.84 -24.44 -0.83
N TYR B 174 -26.82 -24.77 0.00
CA TYR B 174 -26.64 -25.53 1.21
C TYR B 174 -27.29 -26.90 1.09
N SER B 175 -26.76 -27.84 1.87
CA SER B 175 -27.41 -29.11 2.10
C SER B 175 -27.52 -29.34 3.59
N LEU B 176 -28.51 -30.12 3.97
CA LEU B 176 -28.88 -30.30 5.37
C LEU B 176 -29.34 -31.73 5.60
N SER B 177 -28.85 -32.32 6.68
CA SER B 177 -29.28 -33.64 7.10
C SER B 177 -29.98 -33.53 8.44
N SER B 178 -31.07 -34.27 8.60
CA SER B 178 -31.76 -34.40 9.87
C SER B 178 -31.77 -35.88 10.21
N THR B 179 -31.38 -36.19 11.43
CA THR B 179 -31.20 -37.57 11.86
C THR B 179 -32.07 -37.81 13.07
N LEU B 180 -32.98 -38.78 12.96
CA LEU B 180 -33.93 -39.15 14.02
C LEU B 180 -33.49 -40.45 14.68
N THR B 181 -33.42 -40.46 16.01
CA THR B 181 -32.81 -41.59 16.71
C THR B 181 -33.81 -42.20 17.69
N LEU B 182 -34.10 -43.49 17.50
CA LEU B 182 -35.01 -44.24 18.34
C LEU B 182 -34.37 -45.56 18.75
N SER B 183 -34.78 -46.08 19.90
CA SER B 183 -34.43 -47.46 20.23
C SER B 183 -35.09 -48.40 19.23
N LYS B 184 -34.47 -49.56 19.00
CA LYS B 184 -35.06 -50.54 18.10
C LYS B 184 -36.47 -50.93 18.55
N ALA B 185 -36.66 -51.03 19.87
CA ALA B 185 -37.98 -51.28 20.42
C ALA B 185 -38.95 -50.18 20.04
N ASP B 186 -38.55 -48.92 20.23
CA ASP B 186 -39.48 -47.84 19.92
C ASP B 186 -39.72 -47.74 18.42
N TYR B 187 -38.72 -48.04 17.61
CA TYR B 187 -38.88 -47.95 16.16
C TYR B 187 -39.92 -48.94 15.69
N GLU B 188 -39.85 -50.15 16.16
CA GLU B 188 -40.73 -51.24 15.78
C GLU B 188 -42.16 -51.12 16.36
N LYS B 189 -42.52 -50.03 17.03
CA LYS B 189 -43.89 -49.86 17.46
C LYS B 189 -44.70 -49.15 16.40
N HIS B 190 -44.06 -48.75 15.30
CA HIS B 190 -44.70 -47.89 14.31
C HIS B 190 -44.29 -48.28 12.91
N LYS B 191 -45.09 -47.82 11.96
CA LYS B 191 -44.98 -48.17 10.55
C LYS B 191 -44.59 -47.01 9.67
N VAL B 192 -45.20 -45.84 9.86
CA VAL B 192 -45.04 -44.78 8.88
C VAL B 192 -44.11 -43.72 9.44
N TYR B 193 -42.94 -43.62 8.84
CA TYR B 193 -41.88 -42.68 9.20
C TYR B 193 -41.78 -41.63 8.10
N ALA B 194 -42.03 -40.38 8.44
CA ALA B 194 -42.11 -39.35 7.45
C ALA B 194 -41.31 -38.11 7.85
N CYS B 195 -40.74 -37.50 6.83
CA CYS B 195 -39.95 -36.29 6.91
C CYS B 195 -40.70 -35.21 6.16
N GLU B 196 -41.03 -34.11 6.82
CA GLU B 196 -41.77 -33.02 6.21
C GLU B 196 -40.94 -31.75 6.20
N VAL B 197 -40.73 -31.17 5.02
CA VAL B 197 -39.81 -30.05 4.83
C VAL B 197 -40.59 -28.83 4.35
N THR B 198 -40.49 -27.72 5.09
CA THR B 198 -40.94 -26.43 4.59
C THR B 198 -39.73 -25.54 4.32
N HIS B 199 -39.71 -24.96 3.12
CA HIS B 199 -38.68 -24.07 2.63
C HIS B 199 -39.36 -23.13 1.66
N GLN B 200 -38.83 -21.93 1.53
CA GLN B 200 -39.54 -20.94 0.72
C GLN B 200 -39.42 -21.20 -0.78
N GLY B 201 -38.49 -22.04 -1.22
CA GLY B 201 -38.53 -22.51 -2.59
C GLY B 201 -39.71 -23.42 -2.89
N LEU B 202 -40.46 -23.82 -1.86
CA LEU B 202 -41.55 -24.78 -1.98
C LEU B 202 -42.88 -24.05 -1.85
N SER B 203 -43.75 -24.24 -2.84
CA SER B 203 -45.08 -23.65 -2.74
C SER B 203 -45.96 -24.35 -1.72
N SER B 204 -45.58 -25.57 -1.28
CA SER B 204 -46.20 -26.18 -0.11
C SER B 204 -45.28 -27.29 0.33
N PRO B 205 -45.31 -27.66 1.61
CA PRO B 205 -44.28 -28.56 2.15
C PRO B 205 -44.22 -29.92 1.46
N VAL B 206 -43.02 -30.41 1.31
CA VAL B 206 -42.75 -31.73 0.76
C VAL B 206 -42.67 -32.72 1.90
N THR B 207 -43.21 -33.91 1.68
CA THR B 207 -43.05 -35.03 2.60
C THR B 207 -42.47 -36.21 1.85
N LYS B 208 -41.43 -36.80 2.42
CA LYS B 208 -40.93 -38.09 1.98
C LYS B 208 -41.16 -39.06 3.12
N SER B 209 -41.50 -40.30 2.79
CA SER B 209 -41.81 -41.27 3.83
C SER B 209 -41.52 -42.68 3.34
N PHE B 210 -41.66 -43.62 4.27
CA PHE B 210 -41.50 -45.05 4.00
C PHE B 210 -42.25 -45.80 5.07
N ASN B 211 -42.46 -47.08 4.83
CA ASN B 211 -43.04 -47.95 5.84
C ASN B 211 -42.00 -48.94 6.33
N ARG B 212 -41.87 -49.02 7.64
CA ARG B 212 -40.93 -49.94 8.26
C ARG B 212 -41.28 -51.38 7.89
N GLY B 213 -40.31 -52.10 7.32
CA GLY B 213 -40.56 -53.48 6.98
C GLY B 213 -41.12 -53.70 5.59
N GLU B 214 -41.52 -52.62 4.92
CA GLU B 214 -42.07 -52.69 3.58
C GLU B 214 -40.91 -52.49 2.61
N CYS B 215 -40.63 -53.51 1.80
CA CYS B 215 -39.69 -53.37 0.69
C CYS B 215 -40.44 -53.39 -0.63
N GLU C 4 25.41 2.09 -5.83
CA GLU C 4 25.42 0.89 -6.67
C GLU C 4 24.60 1.01 -7.94
N VAL C 5 23.29 1.17 -7.81
CA VAL C 5 22.42 1.41 -8.95
C VAL C 5 22.41 2.88 -9.27
N GLN C 6 22.70 3.24 -10.51
CA GLN C 6 22.46 4.62 -10.88
C GLN C 6 22.32 4.76 -12.39
N LEU C 7 21.87 5.96 -12.76
CA LEU C 7 21.57 6.42 -14.10
C LEU C 7 22.28 7.75 -14.29
N VAL C 8 22.82 7.99 -15.48
CA VAL C 8 23.55 9.23 -15.76
C VAL C 8 23.08 9.73 -17.13
N GLU C 9 22.36 10.86 -17.14
CA GLU C 9 22.02 11.48 -18.41
C GLU C 9 23.18 12.30 -18.94
N SER C 10 23.27 12.37 -20.26
CA SER C 10 24.19 13.28 -20.90
C SER C 10 23.58 13.68 -22.22
N GLY C 11 24.32 14.48 -22.97
CA GLY C 11 23.86 14.94 -24.25
C GLY C 11 23.15 16.26 -24.19
N GLY C 12 23.04 16.85 -23.01
CA GLY C 12 22.34 18.12 -22.86
C GLY C 12 23.14 19.27 -23.41
N GLY C 13 22.50 20.42 -23.46
CA GLY C 13 23.21 21.58 -23.89
C GLY C 13 22.27 22.62 -24.47
N LEU C 14 22.87 23.43 -25.35
CA LEU C 14 22.21 24.56 -25.98
C LEU C 14 21.79 24.15 -27.37
N VAL C 15 20.56 24.47 -27.74
CA VAL C 15 20.06 24.06 -29.03
C VAL C 15 19.33 25.26 -29.60
N GLN C 16 19.46 25.44 -30.91
CA GLN C 16 18.72 26.50 -31.55
C GLN C 16 17.26 26.09 -31.68
N PRO C 17 16.35 27.05 -31.65
CA PRO C 17 14.94 26.74 -31.87
C PRO C 17 14.78 26.06 -33.22
N GLY C 18 13.89 25.07 -33.26
CA GLY C 18 13.76 24.23 -34.41
C GLY C 18 14.85 23.20 -34.55
N GLY C 19 15.81 23.18 -33.62
CA GLY C 19 16.90 22.22 -33.67
C GLY C 19 16.51 20.90 -33.05
N SER C 20 17.52 20.01 -32.97
CA SER C 20 17.32 18.67 -32.45
C SER C 20 18.51 18.22 -31.62
N LEU C 21 18.26 17.24 -30.75
CA LEU C 21 19.23 16.80 -29.75
C LEU C 21 18.90 15.37 -29.35
N ARG C 22 19.93 14.55 -29.12
CA ARG C 22 19.71 13.19 -28.64
C ARG C 22 20.30 13.06 -27.25
N LEU C 23 19.43 12.95 -26.24
CA LEU C 23 19.88 12.66 -24.90
C LEU C 23 20.07 11.16 -24.72
N SER C 24 21.01 10.82 -23.86
CA SER C 24 21.31 9.44 -23.57
C SER C 24 21.37 9.27 -22.06
N CYS C 25 20.96 8.10 -21.62
CA CYS C 25 20.81 7.78 -20.20
C CYS C 25 21.52 6.46 -19.94
N ALA C 26 22.68 6.51 -19.33
CA ALA C 26 23.53 5.33 -19.18
C ALA C 26 23.30 4.73 -17.80
N ALA C 27 22.97 3.44 -17.77
CA ALA C 27 22.61 2.74 -16.55
C ALA C 27 23.81 2.03 -15.96
N SER C 28 23.86 1.96 -14.65
CA SER C 28 24.80 1.07 -13.98
C SER C 28 24.09 0.37 -12.84
N GLY C 29 24.64 -0.78 -12.44
CA GLY C 29 24.09 -1.53 -11.34
C GLY C 29 22.85 -2.35 -11.66
N PHE C 30 22.37 -2.31 -12.90
CA PHE C 30 21.24 -3.14 -13.29
C PHE C 30 21.13 -3.09 -14.80
N TYR C 31 20.38 -4.03 -15.36
CA TYR C 31 20.18 -4.12 -16.80
C TYR C 31 18.83 -3.55 -17.19
N ILE C 32 18.84 -2.62 -18.15
CA ILE C 32 17.61 -1.91 -18.52
C ILE C 32 16.58 -2.80 -19.21
N SER C 33 16.96 -3.97 -19.69
CA SER C 33 15.97 -4.70 -20.45
C SER C 33 14.85 -5.24 -19.57
N TYR C 34 14.99 -5.18 -18.25
CA TYR C 34 13.97 -5.67 -17.33
C TYR C 34 13.15 -4.58 -16.68
N SER C 35 13.37 -3.33 -17.04
CA SER C 35 12.63 -2.23 -16.45
C SER C 35 12.06 -1.37 -17.55
N SER C 36 10.92 -0.76 -17.28
CA SER C 36 10.53 0.43 -18.02
C SER C 36 11.47 1.58 -17.68
N ILE C 37 11.72 2.44 -18.66
CA ILE C 37 12.55 3.63 -18.48
C ILE C 37 11.75 4.85 -18.89
N HIS C 38 11.77 5.88 -18.07
CA HIS C 38 11.00 7.09 -18.32
C HIS C 38 11.90 8.32 -18.43
N TRP C 39 11.45 9.28 -19.24
CA TRP C 39 12.02 10.62 -19.27
C TRP C 39 11.01 11.58 -18.67
N VAL C 40 11.46 12.34 -17.69
CA VAL C 40 10.68 13.36 -17.01
C VAL C 40 11.53 14.63 -16.99
N ARG C 41 10.93 15.78 -17.33
CA ARG C 41 11.62 17.07 -17.43
C ARG C 41 10.96 18.10 -16.54
N GLN C 42 11.71 19.20 -16.28
CA GLN C 42 11.32 20.22 -15.31
C GLN C 42 11.81 21.59 -15.76
N ALA C 43 10.90 22.42 -16.27
CA ALA C 43 11.33 23.77 -16.65
C ALA C 43 11.76 24.55 -15.41
N PRO C 44 12.77 25.42 -15.53
CA PRO C 44 13.23 26.21 -14.37
C PRO C 44 12.11 26.77 -13.55
N GLY C 45 12.01 26.38 -12.28
CA GLY C 45 10.97 26.89 -11.43
C GLY C 45 9.60 26.30 -11.65
N LYS C 46 9.49 25.12 -12.24
CA LYS C 46 8.17 24.53 -12.43
C LYS C 46 8.20 23.05 -12.02
N GLY C 47 7.06 22.39 -12.16
CA GLY C 47 6.91 21.04 -11.67
C GLY C 47 7.53 20.02 -12.59
N LEU C 48 7.32 18.75 -12.26
CA LEU C 48 7.76 17.65 -13.11
C LEU C 48 6.75 17.42 -14.22
N GLU C 49 7.24 17.21 -15.43
CA GLU C 49 6.38 16.90 -16.57
C GLU C 49 6.86 15.60 -17.19
N TRP C 50 5.98 14.60 -17.20
CA TRP C 50 6.32 13.35 -17.82
C TRP C 50 6.42 13.53 -19.32
N VAL C 51 7.42 12.90 -19.92
CA VAL C 51 7.78 13.10 -21.30
C VAL C 51 7.55 11.83 -22.12
N ALA C 52 8.18 10.73 -21.73
CA ALA C 52 8.15 9.52 -22.56
C ALA C 52 8.60 8.32 -21.73
N SER C 53 8.34 7.12 -22.25
CA SER C 53 8.66 5.87 -21.55
C SER C 53 8.75 4.72 -22.54
N ILE C 54 9.47 3.65 -22.16
CA ILE C 54 9.59 2.47 -23.01
C ILE C 54 9.40 1.21 -22.16
N SER C 55 8.69 0.27 -22.70
CA SER C 55 8.35 -0.95 -22.00
C SER C 55 9.42 -2.02 -22.20
N PRO C 56 9.64 -2.88 -21.19
CA PRO C 56 10.53 -4.04 -21.39
C PRO C 56 9.81 -5.16 -22.12
N TYR C 57 10.60 -5.99 -22.79
CA TYR C 57 10.11 -7.22 -23.42
C TYR C 57 9.18 -6.93 -24.59
N SER C 58 8.70 -5.72 -24.72
CA SER C 58 7.85 -5.42 -25.85
C SER C 58 8.32 -4.22 -26.65
N GLY C 59 9.11 -3.31 -26.06
CA GLY C 59 9.59 -2.16 -26.77
C GLY C 59 8.58 -1.09 -26.98
N SER C 60 7.38 -1.23 -26.40
CA SER C 60 6.33 -0.23 -26.54
C SER C 60 6.79 1.11 -25.99
N THR C 61 6.32 2.17 -26.63
CA THR C 61 6.73 3.51 -26.28
C THR C 61 5.51 4.37 -26.02
N TYR C 62 5.63 5.29 -25.08
CA TYR C 62 4.53 6.18 -24.78
C TYR C 62 5.05 7.62 -24.73
N TYR C 63 4.19 8.56 -25.12
CA TYR C 63 4.64 9.94 -25.19
C TYR C 63 3.60 10.91 -24.63
N ALA C 64 4.09 11.90 -23.90
CA ALA C 64 3.24 13.02 -23.53
C ALA C 64 2.68 13.64 -24.79
N ASP C 65 1.48 14.19 -24.72
CA ASP C 65 0.96 14.74 -25.97
C ASP C 65 1.79 15.93 -26.42
N SER C 66 2.35 16.68 -25.48
CA SER C 66 3.12 17.88 -25.75
C SER C 66 4.45 17.60 -26.44
N VAL C 67 4.81 16.34 -26.67
CA VAL C 67 6.01 16.04 -27.44
C VAL C 67 5.68 15.11 -28.61
N LYS C 68 4.38 14.87 -28.84
CA LYS C 68 3.95 14.01 -29.94
C LYS C 68 4.62 14.42 -31.24
N GLY C 69 4.96 13.43 -32.07
CA GLY C 69 5.57 13.70 -33.35
C GLY C 69 6.95 14.33 -33.32
N ARG C 70 7.48 14.71 -32.15
CA ARG C 70 8.80 15.32 -32.09
C ARG C 70 9.82 14.52 -31.29
N PHE C 71 9.44 13.84 -30.22
CA PHE C 71 10.39 13.07 -29.45
C PHE C 71 10.27 11.59 -29.76
N THR C 72 11.39 10.87 -29.64
CA THR C 72 11.44 9.43 -29.82
C THR C 72 12.30 8.80 -28.74
N ILE C 73 11.70 7.98 -27.94
CA ILE C 73 12.41 7.27 -26.90
C ILE C 73 12.88 5.92 -27.46
N SER C 74 14.02 5.46 -26.98
CA SER C 74 14.51 4.18 -27.47
C SER C 74 15.52 3.63 -26.47
N ALA C 75 15.94 2.38 -26.69
CA ALA C 75 16.83 1.72 -25.76
C ALA C 75 17.74 0.75 -26.49
N ASP C 76 19.03 0.79 -26.14
CA ASP C 76 20.07 -0.12 -26.63
C ASP C 76 20.55 -0.97 -25.46
N THR C 77 19.99 -2.17 -25.30
CA THR C 77 20.31 -2.99 -24.13
C THR C 77 21.73 -3.58 -24.17
N SER C 78 22.45 -3.49 -25.27
CA SER C 78 23.82 -3.96 -25.24
C SER C 78 24.79 -2.89 -24.77
N LYS C 79 24.29 -1.71 -24.41
CA LYS C 79 25.06 -0.70 -23.72
C LYS C 79 24.43 -0.32 -22.41
N ASN C 80 23.31 -0.94 -22.04
CA ASN C 80 22.55 -0.54 -20.88
C ASN C 80 22.28 0.95 -20.90
N THR C 81 21.81 1.44 -22.05
CA THR C 81 21.66 2.88 -22.27
C THR C 81 20.33 3.16 -22.96
N ALA C 82 19.63 4.20 -22.50
CA ALA C 82 18.40 4.67 -23.09
C ALA C 82 18.63 6.00 -23.79
N TYR C 83 17.82 6.28 -24.78
CA TYR C 83 18.02 7.44 -25.63
C TYR C 83 16.71 8.18 -25.79
N LEU C 84 16.80 9.50 -25.91
CA LEU C 84 15.66 10.36 -26.22
C LEU C 84 16.04 11.25 -27.38
N GLN C 85 15.44 11.03 -28.54
CA GLN C 85 15.66 11.86 -29.71
C GLN C 85 14.65 12.98 -29.73
N MET C 86 15.12 14.22 -29.67
CA MET C 86 14.25 15.38 -29.66
C MET C 86 14.42 16.14 -30.95
N ASN C 87 13.31 16.41 -31.63
CA ASN C 87 13.29 17.18 -32.86
C ASN C 87 12.38 18.39 -32.70
N SER C 88 12.54 19.34 -33.63
CA SER C 88 11.66 20.52 -33.70
C SER C 88 11.57 21.24 -32.36
N LEU C 89 12.73 21.41 -31.72
CA LEU C 89 12.80 21.99 -30.39
C LEU C 89 12.43 23.46 -30.38
N ARG C 90 11.64 23.84 -29.38
CA ARG C 90 11.15 25.18 -29.18
C ARG C 90 11.62 25.62 -27.80
N ALA C 91 11.54 26.92 -27.53
CA ALA C 91 11.99 27.43 -26.24
C ALA C 91 11.24 26.78 -25.09
N GLU C 92 9.98 26.39 -25.33
CA GLU C 92 9.17 25.75 -24.30
C GLU C 92 9.80 24.46 -23.78
N ASP C 93 10.68 23.84 -24.54
CA ASP C 93 11.24 22.58 -24.14
C ASP C 93 12.51 22.76 -23.33
N THR C 94 12.82 24.00 -22.98
CA THR C 94 13.92 24.24 -22.07
C THR C 94 13.55 23.69 -20.70
N ALA C 95 14.36 22.75 -20.20
CA ALA C 95 14.10 22.13 -18.91
C ALA C 95 15.31 21.30 -18.53
N VAL C 96 15.37 20.90 -17.27
CA VAL C 96 16.26 19.80 -16.90
C VAL C 96 15.54 18.50 -17.26
N TYR C 97 16.26 17.58 -17.91
CA TYR C 97 15.71 16.29 -18.32
C TYR C 97 16.28 15.17 -17.47
N TYR C 98 15.40 14.45 -16.78
CA TYR C 98 15.74 13.28 -15.98
C TYR C 98 15.36 12.03 -16.75
N CYS C 99 16.19 10.99 -16.67
CA CYS C 99 15.67 9.64 -16.91
C CYS C 99 15.49 8.95 -15.57
N ALA C 100 14.44 8.14 -15.49
CA ALA C 100 14.01 7.50 -14.28
C ALA C 100 13.72 6.02 -14.56
N ARG C 101 14.06 5.15 -13.63
CA ARG C 101 13.73 3.75 -13.77
C ARG C 101 12.43 3.48 -13.03
N GLN C 102 11.46 2.90 -13.73
CA GLN C 102 10.34 2.28 -13.03
C GLN C 102 10.86 1.05 -12.28
N GLY C 103 10.65 1.02 -10.97
CA GLY C 103 11.14 -0.07 -10.17
C GLY C 103 10.41 -1.38 -10.48
N TYR C 104 10.91 -2.44 -9.84
CA TYR C 104 10.36 -3.78 -9.99
C TYR C 104 8.95 -3.83 -9.42
N ARG C 105 8.02 -4.43 -10.18
CA ARG C 105 6.61 -4.47 -9.78
C ARG C 105 6.40 -5.00 -8.36
N ARG C 106 6.99 -6.16 -8.04
CA ARG C 106 6.80 -6.71 -6.70
C ARG C 106 7.39 -5.85 -5.60
N ARG C 107 8.33 -4.99 -5.89
CA ARG C 107 8.98 -4.24 -4.83
C ARG C 107 8.57 -2.78 -4.73
N SER C 108 8.24 -2.10 -5.84
CA SER C 108 7.81 -0.72 -5.61
C SER C 108 6.71 -0.30 -6.58
N GLY C 109 5.91 -1.28 -7.03
CA GLY C 109 4.75 -0.94 -7.86
C GLY C 109 5.23 -0.29 -9.13
N ARG C 110 4.63 0.86 -9.45
CA ARG C 110 5.00 1.61 -10.64
C ARG C 110 5.78 2.85 -10.28
N GLY C 111 6.26 2.95 -9.04
CA GLY C 111 7.06 4.10 -8.66
C GLY C 111 8.38 4.13 -9.42
N PHE C 112 8.86 5.34 -9.67
CA PHE C 112 10.17 5.53 -10.31
C PHE C 112 11.18 5.51 -9.19
N ASP C 113 11.94 4.42 -9.05
CA ASP C 113 12.69 4.29 -7.81
C ASP C 113 14.11 4.86 -7.86
N TYR C 114 14.74 4.96 -9.04
CA TYR C 114 16.03 5.67 -9.18
C TYR C 114 15.93 6.72 -10.28
N TRP C 115 16.59 7.86 -10.06
CA TRP C 115 16.59 8.98 -10.99
C TRP C 115 18.00 9.49 -11.24
N GLY C 116 18.27 9.91 -12.47
CA GLY C 116 19.52 10.58 -12.74
C GLY C 116 19.55 11.99 -12.18
N GLN C 117 20.73 12.59 -12.18
CA GLN C 117 20.80 13.98 -11.71
C GLN C 117 20.23 14.93 -12.73
N GLY C 118 20.06 14.51 -13.96
CA GLY C 118 19.34 15.32 -14.92
C GLY C 118 20.29 16.25 -15.66
N THR C 119 19.98 16.47 -16.93
CA THR C 119 20.84 17.24 -17.80
C THR C 119 20.06 18.42 -18.38
N LEU C 120 20.67 19.61 -18.28
CA LEU C 120 19.98 20.82 -18.66
C LEU C 120 19.99 20.97 -20.18
N VAL C 121 18.82 21.25 -20.75
CA VAL C 121 18.65 21.54 -22.16
C VAL C 121 18.12 22.96 -22.29
N THR C 122 18.77 23.77 -23.13
CA THR C 122 18.42 25.17 -23.29
C THR C 122 18.09 25.44 -24.75
N VAL C 123 16.83 25.75 -25.03
CA VAL C 123 16.41 26.07 -26.39
C VAL C 123 16.27 27.59 -26.48
N SER C 124 17.09 28.22 -27.32
CA SER C 124 17.16 29.67 -27.40
C SER C 124 17.97 30.04 -28.64
N SER C 125 17.54 31.10 -29.34
CA SER C 125 18.35 31.50 -30.47
C SER C 125 19.54 32.35 -30.04
N ALA C 126 19.68 32.62 -28.74
CA ALA C 126 20.81 33.37 -28.22
C ALA C 126 22.11 32.57 -28.31
N SER C 127 23.22 33.31 -28.31
CA SER C 127 24.56 32.81 -28.58
C SER C 127 25.36 32.72 -27.29
N THR C 128 26.20 31.69 -27.15
CA THR C 128 26.97 31.57 -25.91
C THR C 128 27.77 32.86 -25.68
N LYS C 129 27.68 33.37 -24.45
CA LYS C 129 28.39 34.59 -24.08
C LYS C 129 28.69 34.59 -22.58
N GLY C 130 29.94 34.87 -22.24
CA GLY C 130 30.31 34.99 -20.85
C GLY C 130 29.76 36.27 -20.27
N PRO C 131 29.62 36.31 -18.95
CA PRO C 131 29.04 37.48 -18.30
C PRO C 131 30.03 38.65 -18.23
N SER C 132 29.46 39.83 -18.04
CA SER C 132 30.24 40.95 -17.52
C SER C 132 29.80 41.14 -16.07
N VAL C 133 30.77 41.42 -15.20
CA VAL C 133 30.55 41.45 -13.75
C VAL C 133 30.79 42.86 -13.25
N PHE C 134 29.84 43.40 -12.52
CA PHE C 134 30.03 44.74 -12.00
C PHE C 134 29.87 44.74 -10.49
N PRO C 135 30.60 45.60 -9.79
CA PRO C 135 30.50 45.67 -8.33
C PRO C 135 29.24 46.39 -7.86
N LEU C 136 28.60 45.85 -6.81
CA LEU C 136 27.57 46.58 -6.06
C LEU C 136 28.27 47.17 -4.83
N ALA C 137 28.77 48.40 -4.98
CA ALA C 137 29.67 48.96 -3.99
C ALA C 137 28.93 49.33 -2.71
N PRO C 138 29.49 49.03 -1.54
CA PRO C 138 28.84 49.46 -0.31
C PRO C 138 28.74 50.96 -0.28
N SER C 139 27.63 51.46 0.26
CA SER C 139 27.27 52.85 0.08
C SER C 139 28.35 53.79 0.59
N SER C 140 28.65 54.80 -0.22
CA SER C 140 29.50 55.87 0.27
C SER C 140 28.90 56.44 1.55
N LYS C 141 27.58 56.69 1.57
CA LYS C 141 26.95 57.09 2.81
C LYS C 141 26.26 55.96 3.56
N SER C 142 25.19 55.38 3.01
CA SER C 142 24.33 54.50 3.84
C SER C 142 23.44 53.57 3.00
N THR C 143 23.93 52.33 2.75
CA THR C 143 23.12 51.35 2.03
C THR C 143 21.86 51.08 2.85
N SER C 144 22.03 50.47 4.02
CA SER C 144 21.00 50.44 5.07
C SER C 144 21.53 51.02 6.39
N GLY C 145 22.61 50.44 6.93
CA GLY C 145 23.17 50.81 8.23
C GLY C 145 23.56 49.61 9.08
N GLY C 146 24.27 49.85 10.19
CA GLY C 146 24.67 48.73 11.04
C GLY C 146 25.90 48.04 10.49
N THR C 147 25.67 46.92 9.81
CA THR C 147 26.65 46.23 9.00
C THR C 147 26.26 46.45 7.54
N ALA C 148 27.25 46.61 6.65
CA ALA C 148 26.97 46.97 5.28
C ALA C 148 26.72 45.75 4.37
N ALA C 149 26.17 46.04 3.19
CA ALA C 149 26.04 45.05 2.13
C ALA C 149 26.88 45.49 0.95
N LEU C 150 27.42 44.49 0.23
CA LEU C 150 28.14 44.69 -1.01
C LEU C 150 27.85 43.52 -1.92
N GLY C 151 28.15 43.66 -3.21
CA GLY C 151 27.89 42.53 -4.08
C GLY C 151 28.48 42.69 -5.47
N CYS C 152 28.17 41.68 -6.29
CA CYS C 152 28.57 41.61 -7.70
C CYS C 152 27.35 41.35 -8.58
N LEU C 153 27.17 42.16 -9.61
CA LEU C 153 26.10 41.98 -10.57
C LEU C 153 26.65 41.22 -11.75
N VAL C 154 26.13 40.02 -11.98
CA VAL C 154 26.67 39.14 -13.01
C VAL C 154 25.69 39.23 -14.17
N LYS C 155 25.99 40.11 -15.11
CA LYS C 155 24.99 40.55 -16.07
C LYS C 155 25.35 40.05 -17.46
N ASP C 156 24.31 39.70 -18.23
CA ASP C 156 24.44 39.47 -19.67
C ASP C 156 25.34 38.27 -19.98
N TYR C 157 24.89 37.11 -19.52
CA TYR C 157 25.56 35.87 -19.83
C TYR C 157 24.56 34.89 -20.43
N PHE C 158 25.10 33.89 -21.09
CA PHE C 158 24.31 32.83 -21.70
C PHE C 158 25.23 31.67 -22.07
N PRO C 159 24.82 30.41 -21.83
CA PRO C 159 23.56 29.95 -21.22
C PRO C 159 23.69 29.82 -19.73
N GLU C 160 22.71 29.26 -19.03
CA GLU C 160 22.94 28.91 -17.64
C GLU C 160 23.88 27.68 -17.58
N PRO C 161 24.57 27.46 -16.48
CA PRO C 161 24.61 28.22 -15.22
C PRO C 161 25.89 29.00 -15.01
N VAL C 162 25.94 29.66 -13.86
CA VAL C 162 27.06 30.50 -13.46
C VAL C 162 27.41 30.20 -12.00
N THR C 163 28.70 30.20 -11.68
CA THR C 163 29.14 29.94 -10.32
C THR C 163 29.70 31.23 -9.73
N VAL C 164 29.21 31.61 -8.55
CA VAL C 164 29.71 32.76 -7.83
C VAL C 164 30.25 32.27 -6.48
N SER C 165 31.46 32.67 -6.15
CA SER C 165 32.00 32.48 -4.81
C SER C 165 32.63 33.79 -4.34
N TRP C 166 32.88 33.89 -3.05
CA TRP C 166 33.44 35.11 -2.49
C TRP C 166 34.76 34.82 -1.80
N ASN C 167 35.80 35.58 -2.18
CA ASN C 167 37.17 35.44 -1.67
C ASN C 167 37.64 33.99 -1.76
N SER C 168 37.40 33.41 -2.94
CA SER C 168 37.77 32.03 -3.26
C SER C 168 37.21 31.04 -2.25
N GLY C 169 35.97 31.28 -1.82
CA GLY C 169 35.25 30.35 -0.97
C GLY C 169 35.44 30.52 0.52
N ALA C 170 36.31 31.43 0.97
CA ALA C 170 36.61 31.56 2.39
C ALA C 170 35.60 32.42 3.16
N LEU C 171 34.72 33.13 2.48
CA LEU C 171 33.64 33.89 3.12
C LEU C 171 32.33 33.35 2.58
N THR C 172 31.51 32.78 3.46
CA THR C 172 30.26 32.14 3.06
C THR C 172 29.09 32.68 3.88
N SER C 173 29.35 33.05 5.12
CA SER C 173 28.28 33.48 6.00
C SER C 173 27.74 34.84 5.56
N GLY C 174 26.42 34.93 5.46
CA GLY C 174 25.74 36.14 5.02
C GLY C 174 25.71 36.34 3.53
N VAL C 175 26.20 35.37 2.75
CA VAL C 175 26.21 35.44 1.28
C VAL C 175 24.88 34.91 0.74
N HIS C 176 24.28 35.68 -0.17
CA HIS C 176 23.16 35.23 -0.99
C HIS C 176 23.50 35.39 -2.48
N THR C 177 23.51 34.28 -3.21
CA THR C 177 23.57 34.34 -4.66
C THR C 177 22.18 34.09 -5.23
N PHE C 178 21.65 35.06 -5.91
CA PHE C 178 20.26 35.00 -6.26
C PHE C 178 20.03 34.12 -7.49
N PRO C 179 18.85 33.56 -7.61
CA PRO C 179 18.49 32.87 -8.84
C PRO C 179 18.56 33.83 -10.01
N ALA C 180 19.08 33.32 -11.12
CA ALA C 180 19.19 34.12 -12.34
C ALA C 180 17.81 34.49 -12.87
N VAL C 181 17.79 35.58 -13.63
CA VAL C 181 16.57 36.07 -14.23
C VAL C 181 16.85 36.22 -15.72
N LEU C 182 15.95 35.74 -16.55
CA LEU C 182 16.14 35.82 -18.00
C LEU C 182 15.57 37.14 -18.51
N GLN C 183 16.42 37.94 -19.14
CA GLN C 183 16.05 39.27 -19.59
C GLN C 183 15.44 39.23 -20.98
N SER C 184 14.85 40.36 -21.37
CA SER C 184 14.30 40.50 -22.72
C SER C 184 15.37 40.31 -23.80
N SER C 185 16.64 40.53 -23.49
CA SER C 185 17.66 40.32 -24.50
C SER C 185 17.98 38.86 -24.69
N GLY C 186 17.42 37.98 -23.87
CA GLY C 186 17.78 36.58 -23.93
C GLY C 186 19.02 36.19 -23.16
N LEU C 187 19.68 37.14 -22.51
CA LEU C 187 20.81 36.85 -21.65
C LEU C 187 20.34 36.79 -20.21
N TYR C 188 21.00 35.97 -19.43
CA TYR C 188 20.64 35.89 -18.02
C TYR C 188 21.38 36.97 -17.25
N SER C 189 20.89 37.22 -16.05
CA SER C 189 21.51 38.15 -15.12
C SER C 189 21.14 37.72 -13.72
N LEU C 190 22.12 37.70 -12.84
CA LEU C 190 21.89 37.42 -11.44
C LEU C 190 22.78 38.35 -10.64
N SER C 191 22.46 38.50 -9.37
CA SER C 191 23.32 39.23 -8.47
C SER C 191 23.75 38.31 -7.32
N SER C 192 24.92 38.60 -6.76
CA SER C 192 25.39 37.94 -5.55
C SER C 192 25.73 39.00 -4.54
N VAL C 193 25.28 38.83 -3.30
CA VAL C 193 25.47 39.86 -2.29
C VAL C 193 26.05 39.23 -1.03
N VAL C 194 26.66 40.07 -0.20
CA VAL C 194 27.20 39.69 1.10
C VAL C 194 26.98 40.86 2.04
N THR C 195 26.60 40.56 3.27
CA THR C 195 26.59 41.53 4.35
C THR C 195 27.77 41.23 5.28
N VAL C 196 28.45 42.30 5.69
CA VAL C 196 29.71 42.25 6.42
C VAL C 196 29.72 43.34 7.48
N PRO C 197 30.52 43.17 8.53
CA PRO C 197 30.69 44.25 9.52
C PRO C 197 31.04 45.56 8.85
N SER C 198 30.39 46.63 9.33
CA SER C 198 30.72 47.96 8.86
C SER C 198 32.17 48.34 9.15
N SER C 199 32.74 47.81 10.24
CA SER C 199 34.12 48.11 10.59
C SER C 199 35.15 47.34 9.75
N SER C 200 34.74 46.24 9.11
CA SER C 200 35.65 45.51 8.23
C SER C 200 35.89 46.24 6.92
N LEU C 201 35.04 47.19 6.56
CA LEU C 201 35.12 47.88 5.27
C LEU C 201 36.44 48.63 5.11
N GLY C 202 36.92 49.28 6.16
CA GLY C 202 38.20 49.96 6.03
C GLY C 202 39.40 49.02 6.03
N THR C 203 39.24 47.80 6.56
CA THR C 203 40.33 46.85 6.72
C THR C 203 40.22 45.59 5.85
N GLN C 204 39.16 45.43 5.05
CA GLN C 204 39.03 44.19 4.28
C GLN C 204 38.57 44.43 2.85
N THR C 205 39.27 43.78 1.91
CA THR C 205 38.89 43.79 0.49
C THR C 205 38.06 42.55 0.19
N TYR C 206 36.96 42.74 -0.54
CA TYR C 206 36.03 41.67 -0.88
C TYR C 206 35.99 41.48 -2.41
N ILE C 207 36.32 40.28 -2.86
CA ILE C 207 36.43 39.94 -4.28
C ILE C 207 35.53 38.74 -4.56
N CYS C 208 34.64 38.88 -5.56
CA CYS C 208 33.75 37.80 -5.98
C CYS C 208 34.30 37.04 -7.18
N ASN C 209 34.20 35.71 -7.13
CA ASN C 209 34.71 34.82 -8.16
C ASN C 209 33.57 34.30 -9.01
N VAL C 210 33.46 34.80 -10.24
CA VAL C 210 32.45 34.33 -11.18
C VAL C 210 33.09 33.34 -12.14
N ASN C 211 32.43 32.21 -12.33
CA ASN C 211 32.85 31.19 -13.28
C ASN C 211 31.64 30.79 -14.13
N HIS C 212 31.73 31.00 -15.43
CA HIS C 212 30.66 30.63 -16.37
C HIS C 212 31.25 29.55 -17.26
N LYS C 213 31.01 28.30 -16.87
CA LYS C 213 31.69 27.19 -17.52
C LYS C 213 31.45 27.08 -19.02
N PRO C 214 30.23 27.29 -19.56
CA PRO C 214 30.06 27.17 -21.02
C PRO C 214 30.92 28.08 -21.84
N SER C 215 31.59 29.07 -21.25
CA SER C 215 32.52 29.91 -22.00
C SER C 215 33.89 29.99 -21.34
N ASN C 216 34.15 29.15 -20.34
CA ASN C 216 35.42 29.11 -19.62
C ASN C 216 35.86 30.51 -19.20
N THR C 217 34.93 31.30 -18.68
CA THR C 217 35.25 32.62 -18.19
C THR C 217 35.30 32.59 -16.67
N LYS C 218 36.43 33.03 -16.11
CA LYS C 218 36.54 33.30 -14.69
C LYS C 218 36.85 34.77 -14.54
N VAL C 219 36.02 35.47 -13.77
CA VAL C 219 36.20 36.88 -13.49
C VAL C 219 36.16 37.05 -11.98
N ASP C 220 37.20 37.68 -11.44
CA ASP C 220 37.28 38.08 -10.05
C ASP C 220 37.11 39.60 -9.97
N LYS C 221 36.22 40.05 -9.10
CA LYS C 221 35.89 41.46 -9.01
C LYS C 221 36.04 41.93 -7.57
N LYS C 222 36.98 42.86 -7.34
CA LYS C 222 37.12 43.47 -6.04
C LYS C 222 36.12 44.61 -5.88
N VAL C 223 35.41 44.61 -4.75
CA VAL C 223 34.32 45.54 -4.46
C VAL C 223 34.74 46.39 -3.27
N GLU C 224 34.66 47.71 -3.42
CA GLU C 224 35.11 48.68 -2.45
C GLU C 224 34.07 49.76 -2.27
N PRO C 225 34.11 50.51 -1.17
CA PRO C 225 33.29 51.73 -1.10
C PRO C 225 33.72 52.71 -2.17
N LYS C 226 32.75 53.40 -2.75
CA LYS C 226 33.06 54.38 -3.78
C LYS C 226 33.60 55.65 -3.13
N SER C 227 34.38 56.43 -3.90
CA SER C 227 35.13 57.54 -3.35
C SER C 227 34.64 58.92 -3.78
N CYS C 228 33.55 59.01 -4.55
CA CYS C 228 33.01 60.27 -5.06
C CYS C 228 32.88 61.36 -3.99
N SER D 1 -9.00 11.44 -22.70
CA SER D 1 -8.76 12.57 -21.81
C SER D 1 -7.77 12.22 -20.72
N ASP D 2 -6.71 13.02 -20.65
CA ASP D 2 -5.65 12.79 -19.68
C ASP D 2 -6.19 12.91 -18.26
N ILE D 3 -5.66 12.10 -17.40
CA ILE D 3 -6.01 12.18 -16.00
C ILE D 3 -5.27 13.35 -15.38
N GLN D 4 -6.00 14.26 -14.74
CA GLN D 4 -5.35 15.36 -14.06
C GLN D 4 -5.25 15.03 -12.59
N MET D 5 -4.09 15.23 -12.03
CA MET D 5 -3.84 15.15 -10.61
C MET D 5 -3.80 16.57 -10.07
N THR D 6 -4.77 16.93 -9.24
CA THR D 6 -4.84 18.28 -8.66
C THR D 6 -4.37 18.22 -7.22
N GLN D 7 -3.31 18.95 -6.92
CA GLN D 7 -2.56 18.86 -5.68
C GLN D 7 -2.79 20.13 -4.86
N SER D 8 -2.95 19.98 -3.56
CA SER D 8 -3.27 21.13 -2.75
C SER D 8 -2.78 20.87 -1.34
N PRO D 9 -2.39 21.91 -0.60
CA PRO D 9 -2.16 23.26 -1.08
C PRO D 9 -0.91 23.26 -1.95
N SER D 10 -0.64 24.34 -2.68
CA SER D 10 0.60 24.49 -3.43
C SER D 10 1.79 24.93 -2.56
N SER D 11 1.52 25.48 -1.39
CA SER D 11 2.61 25.67 -0.45
C SER D 11 2.02 25.68 0.94
N LEU D 12 2.81 25.26 1.91
CA LEU D 12 2.33 25.38 3.28
C LEU D 12 3.53 25.63 4.17
N SER D 13 3.27 26.30 5.29
CA SER D 13 4.32 26.62 6.24
C SER D 13 4.10 25.83 7.51
N ALA D 14 5.15 25.18 8.00
CA ALA D 14 5.03 24.40 9.22
C ALA D 14 6.36 24.34 9.95
N SER D 15 6.28 24.04 11.24
CA SER D 15 7.47 23.94 12.10
C SER D 15 7.79 22.48 12.41
N VAL D 16 9.01 22.29 12.91
CA VAL D 16 9.51 20.95 13.12
C VAL D 16 8.65 20.25 14.17
N GLY D 17 8.40 18.95 13.95
CA GLY D 17 7.53 18.20 14.83
C GLY D 17 6.06 18.25 14.47
N ASP D 18 5.65 19.10 13.52
CA ASP D 18 4.28 19.22 13.05
C ASP D 18 3.88 18.05 12.15
N ARG D 19 2.58 17.81 12.08
CA ARG D 19 2.02 16.84 11.14
C ARG D 19 1.39 17.55 9.94
N VAL D 20 1.96 17.37 8.77
CA VAL D 20 1.43 17.89 7.52
C VAL D 20 0.78 16.77 6.72
N THR D 21 -0.29 17.13 5.99
CA THR D 21 -0.91 16.25 5.02
C THR D 21 -1.12 17.02 3.74
N ILE D 22 -0.71 16.42 2.63
CA ILE D 22 -0.80 16.98 1.30
C ILE D 22 -1.82 16.16 0.55
N THR D 23 -2.77 16.80 -0.10
CA THR D 23 -3.79 16.02 -0.81
C THR D 23 -3.59 16.11 -2.32
N CYS D 24 -4.21 15.18 -3.03
CA CYS D 24 -4.01 15.11 -4.47
C CYS D 24 -5.19 14.37 -5.05
N ARG D 25 -5.91 15.00 -5.97
CA ARG D 25 -7.17 14.44 -6.47
C ARG D 25 -7.05 14.02 -7.92
N ALA D 26 -7.40 12.78 -8.21
CA ALA D 26 -7.40 12.27 -9.56
C ALA D 26 -8.68 12.77 -10.28
N SER D 27 -8.52 13.30 -11.50
CA SER D 27 -9.65 13.77 -12.27
C SER D 27 -10.59 12.65 -12.62
N GLN D 28 -10.07 11.45 -12.74
CA GLN D 28 -10.86 10.30 -13.12
C GLN D 28 -10.20 9.13 -12.37
N SER D 29 -10.79 7.94 -12.39
CA SER D 29 -10.30 6.96 -11.45
C SER D 29 -8.89 6.50 -11.81
N VAL D 30 -8.05 6.25 -10.80
CA VAL D 30 -6.69 5.78 -11.06
C VAL D 30 -6.43 4.54 -10.22
N SER D 31 -7.48 4.06 -9.58
CA SER D 31 -7.40 3.01 -8.57
C SER D 31 -6.24 3.38 -7.65
N SER D 32 -5.17 2.57 -7.60
CA SER D 32 -4.14 2.84 -6.60
C SER D 32 -2.75 3.14 -7.15
N ALA D 33 -2.62 3.44 -8.44
CA ALA D 33 -1.30 3.60 -9.01
C ALA D 33 -0.81 5.05 -8.82
N VAL D 34 -0.65 5.41 -7.54
CA VAL D 34 -0.18 6.73 -7.18
C VAL D 34 1.13 6.62 -6.40
N ALA D 35 2.09 7.47 -6.74
CA ALA D 35 3.39 7.57 -6.09
C ALA D 35 3.55 8.96 -5.55
N TRP D 36 4.35 9.11 -4.51
CA TRP D 36 4.73 10.43 -4.03
C TRP D 36 6.24 10.58 -4.06
N TYR D 37 6.70 11.80 -4.34
CA TYR D 37 8.12 12.08 -4.47
C TYR D 37 8.48 13.29 -3.64
N GLN D 38 9.68 13.28 -3.12
CA GLN D 38 10.24 14.43 -2.41
C GLN D 38 11.33 14.98 -3.30
N GLN D 39 11.32 16.29 -3.57
CA GLN D 39 12.40 16.91 -4.35
C GLN D 39 12.99 18.10 -3.60
N LYS D 40 14.37 18.13 -3.46
CA LYS D 40 14.97 19.36 -2.92
C LYS D 40 15.65 20.19 -4.01
N PRO D 41 15.76 21.51 -3.87
CA PRO D 41 16.24 22.34 -5.00
C PRO D 41 17.60 21.87 -5.49
N GLY D 42 17.71 21.70 -6.82
CA GLY D 42 18.93 21.22 -7.42
C GLY D 42 19.14 19.74 -7.43
N LYS D 43 18.17 18.95 -6.99
CA LYS D 43 18.40 17.53 -6.87
C LYS D 43 17.28 16.77 -7.59
N ALA D 44 17.55 15.52 -7.92
CA ALA D 44 16.52 14.72 -8.54
C ALA D 44 15.45 14.39 -7.54
N PRO D 45 14.25 14.09 -8.02
CA PRO D 45 13.19 13.53 -7.14
C PRO D 45 13.62 12.22 -6.48
N LYS D 46 13.06 11.99 -5.29
CA LYS D 46 13.18 10.72 -4.58
C LYS D 46 11.81 10.09 -4.32
N LEU D 47 11.66 8.83 -4.71
CA LEU D 47 10.43 8.10 -4.42
C LEU D 47 10.23 7.95 -2.92
N LEU D 48 8.98 8.16 -2.47
CA LEU D 48 8.53 8.06 -1.10
C LEU D 48 7.46 7.02 -0.92
N ILE D 49 6.36 7.11 -1.68
CA ILE D 49 5.21 6.21 -1.57
C ILE D 49 4.90 5.60 -2.93
N TYR D 50 4.53 4.32 -2.96
CA TYR D 50 3.97 3.72 -4.16
C TYR D 50 2.70 2.95 -3.87
N SER D 51 1.96 2.69 -4.95
CA SER D 51 0.69 1.96 -4.87
C SER D 51 -0.16 2.54 -3.77
N ALA D 52 -0.06 3.87 -3.70
CA ALA D 52 -0.87 4.83 -2.97
C ALA D 52 -0.58 4.84 -1.49
N SER D 53 -0.14 3.73 -0.97
CA SER D 53 -0.07 3.70 0.48
C SER D 53 1.10 2.87 0.98
N SER D 54 1.99 2.44 0.10
CA SER D 54 3.07 1.55 0.46
C SER D 54 4.36 2.35 0.63
N LEU D 55 5.04 2.12 1.74
CA LEU D 55 6.22 2.86 2.09
C LEU D 55 7.39 2.27 1.33
N TYR D 56 8.02 3.09 0.49
CA TYR D 56 9.19 2.63 -0.24
C TYR D 56 10.34 2.35 0.72
N SER D 57 11.06 1.28 0.42
CA SER D 57 12.17 0.83 1.22
C SER D 57 13.17 1.95 1.48
N GLY D 58 13.65 2.04 2.70
CA GLY D 58 14.62 3.04 3.06
C GLY D 58 14.02 4.35 3.49
N VAL D 59 12.72 4.54 3.31
CA VAL D 59 12.07 5.81 3.62
C VAL D 59 11.58 5.74 5.07
N PRO D 60 11.72 6.81 5.84
CA PRO D 60 11.29 6.76 7.25
C PRO D 60 9.80 6.57 7.41
N SER D 61 9.43 5.84 8.46
CA SER D 61 8.05 5.51 8.76
C SER D 61 7.18 6.72 9.08
N ARG D 62 7.75 7.91 9.34
CA ARG D 62 6.88 9.07 9.51
C ARG D 62 6.20 9.50 8.21
N PHE D 63 6.59 8.96 7.06
CA PHE D 63 5.87 9.22 5.83
C PHE D 63 4.82 8.14 5.61
N SER D 64 3.62 8.54 5.24
CA SER D 64 2.62 7.56 4.85
C SER D 64 1.68 8.17 3.83
N GLY D 65 0.96 7.29 3.15
CA GLY D 65 0.01 7.73 2.15
C GLY D 65 -1.29 6.97 2.27
N SER D 66 -2.38 7.64 2.00
CA SER D 66 -3.60 6.91 1.98
C SER D 66 -4.46 7.35 0.80
N ARG D 67 -5.43 6.49 0.49
CA ARG D 67 -6.35 6.67 -0.62
C ARG D 67 -7.78 6.66 -0.09
N SER D 68 -8.59 7.59 -0.60
CA SER D 68 -10.02 7.58 -0.35
C SER D 68 -10.70 7.97 -1.66
N GLY D 69 -11.16 6.97 -2.40
CA GLY D 69 -11.71 7.19 -3.73
C GLY D 69 -10.67 7.61 -4.74
N THR D 70 -10.79 8.86 -5.16
CA THR D 70 -9.83 9.52 -6.04
C THR D 70 -9.04 10.57 -5.30
N ASP D 71 -9.15 10.62 -3.98
CA ASP D 71 -8.30 11.45 -3.15
C ASP D 71 -7.12 10.65 -2.62
N PHE D 72 -5.93 11.23 -2.72
CA PHE D 72 -4.71 10.64 -2.21
C PHE D 72 -4.04 11.67 -1.32
N THR D 73 -3.64 11.24 -0.13
CA THR D 73 -2.97 12.14 0.82
C THR D 73 -1.62 11.57 1.18
N LEU D 74 -0.60 12.42 1.13
CA LEU D 74 0.68 12.14 1.76
C LEU D 74 0.69 12.78 3.13
N THR D 75 1.06 12.00 4.14
CA THR D 75 1.13 12.52 5.49
C THR D 75 2.54 12.37 6.01
N ILE D 76 3.05 13.44 6.62
CA ILE D 76 4.27 13.35 7.42
C ILE D 76 3.87 13.55 8.86
N SER D 77 3.98 12.50 9.66
CA SER D 77 3.38 12.58 10.97
C SER D 77 4.16 13.50 11.90
N SER D 78 5.45 13.73 11.65
CA SER D 78 6.21 14.61 12.53
C SER D 78 7.41 15.16 11.77
N LEU D 79 7.30 16.42 11.34
CA LEU D 79 8.25 16.99 10.38
C LEU D 79 9.65 17.10 10.97
N GLN D 80 10.54 16.58 10.29
CA GLN D 80 11.95 16.69 10.56
C GLN D 80 12.57 17.78 9.68
N PRO D 81 13.65 18.39 10.14
CA PRO D 81 14.24 19.49 9.36
C PRO D 81 14.57 19.07 7.94
N GLU D 82 14.94 17.82 7.71
CA GLU D 82 15.22 17.43 6.34
C GLU D 82 13.95 17.22 5.52
N ASP D 83 12.77 17.51 6.06
CA ASP D 83 11.61 17.21 5.22
C ASP D 83 11.06 18.43 4.50
N PHE D 84 11.57 19.63 4.80
CA PHE D 84 11.20 20.79 3.99
C PHE D 84 11.75 20.64 2.58
N ALA D 85 10.83 20.57 1.63
CA ALA D 85 11.13 20.27 0.26
C ALA D 85 9.82 20.44 -0.51
N THR D 86 9.86 20.10 -1.80
CA THR D 86 8.68 20.00 -2.61
C THR D 86 8.26 18.55 -2.83
N TYR D 87 6.95 18.31 -2.82
CA TYR D 87 6.37 16.96 -2.93
C TYR D 87 5.41 16.86 -4.12
N TYR D 88 5.52 15.79 -4.89
CA TYR D 88 4.72 15.56 -6.10
C TYR D 88 3.96 14.25 -6.02
N CYS D 89 2.66 14.25 -6.34
CA CYS D 89 2.01 12.97 -6.59
C CYS D 89 2.16 12.66 -8.06
N GLN D 90 1.84 11.41 -8.42
CA GLN D 90 1.92 10.89 -9.78
C GLN D 90 0.95 9.74 -9.96
N GLN D 91 0.13 9.81 -11.01
CA GLN D 91 -0.68 8.67 -11.39
C GLN D 91 0.04 7.94 -12.50
N SER D 92 0.04 6.61 -12.38
CA SER D 92 0.57 5.67 -13.36
C SER D 92 -0.47 4.60 -13.67
N TYR D 93 -1.74 4.98 -13.59
CA TYR D 93 -2.78 4.05 -13.93
C TYR D 93 -2.90 3.93 -15.44
N SER D 94 -2.66 5.01 -16.16
CA SER D 94 -2.64 4.85 -17.60
C SER D 94 -1.81 5.97 -18.20
N PHE D 95 -1.25 5.68 -19.38
CA PHE D 95 -0.47 6.67 -20.05
C PHE D 95 -1.41 7.67 -20.70
N PRO D 96 -1.00 8.93 -20.82
CA PRO D 96 0.26 9.49 -20.31
C PRO D 96 0.28 9.59 -18.82
N SER D 97 1.42 9.37 -18.18
CA SER D 97 1.53 9.63 -16.75
C SER D 97 1.35 11.12 -16.43
N THR D 98 0.87 11.40 -15.23
CA THR D 98 0.58 12.78 -14.83
C THR D 98 1.12 13.03 -13.44
N PHE D 99 1.79 14.19 -13.26
CA PHE D 99 2.28 14.65 -11.99
C PHE D 99 1.38 15.74 -11.44
N GLY D 100 1.32 15.86 -10.14
CA GLY D 100 0.66 17.01 -9.55
C GLY D 100 1.52 18.26 -9.68
N GLN D 101 0.91 19.41 -9.42
CA GLN D 101 1.72 20.62 -9.60
C GLN D 101 2.79 20.79 -8.53
N GLY D 102 2.78 19.99 -7.48
CA GLY D 102 3.78 20.13 -6.44
C GLY D 102 3.26 20.88 -5.24
N THR D 103 3.83 20.57 -4.08
CA THR D 103 3.55 21.31 -2.84
C THR D 103 4.86 21.63 -2.14
N LYS D 104 5.10 22.92 -1.89
CA LYS D 104 6.32 23.35 -1.25
C LYS D 104 6.09 23.46 0.24
N VAL D 105 6.95 22.83 1.04
CA VAL D 105 6.82 22.83 2.48
C VAL D 105 7.93 23.70 3.04
N GLU D 106 7.56 24.70 3.83
CA GLU D 106 8.50 25.70 4.29
C GLU D 106 8.45 25.83 5.81
N ILE D 107 9.51 26.43 6.35
CA ILE D 107 9.67 26.55 7.79
C ILE D 107 8.90 27.78 8.22
N LYS D 108 7.99 27.61 9.16
CA LYS D 108 7.34 28.74 9.80
C LYS D 108 8.32 29.43 10.75
N ARG D 109 8.17 30.74 10.91
CA ARG D 109 8.97 31.46 11.89
C ARG D 109 8.38 32.83 12.18
N THR D 110 8.95 33.48 13.17
CA THR D 110 8.48 34.79 13.55
C THR D 110 8.76 35.80 12.44
N VAL D 111 7.83 36.74 12.27
CA VAL D 111 7.98 37.78 11.26
C VAL D 111 9.26 38.57 11.48
N ALA D 112 9.98 38.84 10.39
CA ALA D 112 11.25 39.55 10.45
C ALA D 112 11.26 40.61 9.37
N ALA D 113 11.43 41.86 9.78
CA ALA D 113 11.35 42.96 8.83
C ALA D 113 12.49 42.83 7.81
N PRO D 114 12.23 43.11 6.55
CA PRO D 114 13.33 43.24 5.59
C PRO D 114 14.21 44.43 5.94
N SER D 115 15.49 44.30 5.60
CA SER D 115 16.44 45.39 5.64
C SER D 115 16.72 45.81 4.19
N VAL D 116 16.48 47.09 3.87
CA VAL D 116 16.50 47.53 2.48
C VAL D 116 17.85 48.17 2.20
N PHE D 117 18.49 47.75 1.13
CA PHE D 117 19.72 48.36 0.64
C PHE D 117 19.49 48.77 -0.80
N ILE D 118 20.00 49.94 -1.17
CA ILE D 118 19.93 50.38 -2.56
C ILE D 118 21.36 50.56 -3.08
N PHE D 119 21.54 50.29 -4.37
CA PHE D 119 22.86 50.25 -5.00
C PHE D 119 22.80 50.92 -6.36
N PRO D 120 23.56 51.99 -6.57
CA PRO D 120 23.49 52.69 -7.84
C PRO D 120 24.28 51.93 -8.89
N PRO D 121 24.04 52.21 -10.17
CA PRO D 121 24.86 51.60 -11.20
C PRO D 121 26.32 51.99 -11.04
N SER D 122 27.20 51.01 -11.29
CA SER D 122 28.64 51.21 -11.23
C SER D 122 29.16 52.02 -12.43
N ASP D 123 30.33 52.65 -12.23
CA ASP D 123 30.97 53.38 -13.33
C ASP D 123 31.29 52.48 -14.51
N GLU D 124 31.73 51.24 -14.24
CA GLU D 124 32.10 50.33 -15.33
C GLU D 124 30.92 50.03 -16.23
N GLN D 125 29.74 49.78 -15.66
CA GLN D 125 28.60 49.43 -16.48
C GLN D 125 28.12 50.66 -17.26
N LEU D 126 28.17 51.83 -16.65
CA LEU D 126 27.79 53.05 -17.37
C LEU D 126 28.67 53.27 -18.59
N LYS D 127 29.91 52.76 -18.58
CA LYS D 127 30.74 52.73 -19.78
C LYS D 127 30.06 51.95 -20.90
N SER D 128 29.43 50.82 -20.56
CA SER D 128 28.75 49.97 -21.54
C SER D 128 27.50 50.62 -22.14
N GLY D 129 27.02 51.74 -21.58
CA GLY D 129 25.85 52.44 -22.08
C GLY D 129 24.55 52.01 -21.47
N THR D 130 24.58 51.17 -20.42
CA THR D 130 23.41 50.63 -19.77
C THR D 130 23.56 50.83 -18.28
N ALA D 131 22.44 51.09 -17.59
CA ALA D 131 22.44 51.41 -16.16
C ALA D 131 21.52 50.46 -15.40
N SER D 132 22.05 49.81 -14.35
CA SER D 132 21.26 48.89 -13.52
C SER D 132 21.23 49.35 -12.06
N VAL D 133 20.03 49.53 -11.52
CA VAL D 133 19.84 49.93 -10.13
C VAL D 133 19.38 48.70 -9.36
N VAL D 134 20.09 48.33 -8.31
CA VAL D 134 19.78 47.11 -7.58
C VAL D 134 19.32 47.46 -6.18
N CYS D 135 18.15 46.92 -5.81
CA CYS D 135 17.58 47.01 -4.48
C CYS D 135 17.61 45.64 -3.82
N LEU D 136 18.10 45.60 -2.58
CA LEU D 136 18.22 44.39 -1.81
C LEU D 136 17.26 44.44 -0.62
N LEU D 137 16.51 43.37 -0.42
CA LEU D 137 15.77 43.17 0.81
C LEU D 137 16.38 41.94 1.46
N ASN D 138 16.92 42.09 2.66
CA ASN D 138 17.72 41.02 3.25
C ASN D 138 17.04 40.38 4.46
N ASN D 139 17.02 39.04 4.46
CA ASN D 139 16.72 38.20 5.62
C ASN D 139 15.43 38.63 6.33
N PHE D 140 14.34 38.49 5.61
CA PHE D 140 13.02 38.85 6.11
C PHE D 140 12.11 37.62 6.09
N TYR D 141 10.93 37.79 6.70
CA TYR D 141 9.95 36.73 6.72
C TYR D 141 8.60 37.34 7.08
N PRO D 142 7.49 36.90 6.45
CA PRO D 142 7.36 35.86 5.42
C PRO D 142 7.87 36.28 4.05
N ARG D 143 7.68 35.43 3.05
CA ARG D 143 8.27 35.67 1.73
C ARG D 143 7.61 36.84 1.03
N GLU D 144 6.32 37.05 1.26
CA GLU D 144 5.59 38.11 0.58
C GLU D 144 6.22 39.46 0.87
N ALA D 145 6.69 40.12 -0.19
CA ALA D 145 7.07 41.51 -0.18
C ALA D 145 6.61 42.11 -1.49
N LYS D 146 6.42 43.42 -1.53
CA LYS D 146 6.14 44.13 -2.77
C LYS D 146 7.09 45.31 -2.88
N VAL D 147 7.84 45.36 -3.96
CA VAL D 147 8.83 46.40 -4.20
C VAL D 147 8.48 47.12 -5.48
N GLN D 148 8.18 48.40 -5.37
CA GLN D 148 7.96 49.23 -6.54
C GLN D 148 8.99 50.35 -6.58
N TRP D 149 9.56 50.56 -7.76
CA TRP D 149 10.56 51.60 -7.97
C TRP D 149 9.87 52.93 -8.36
N LYS D 150 10.31 54.02 -7.76
CA LYS D 150 9.88 55.35 -8.18
C LYS D 150 11.12 56.15 -8.55
N VAL D 151 11.10 56.77 -9.73
CA VAL D 151 12.21 57.54 -10.24
C VAL D 151 11.70 58.96 -10.48
N ASP D 152 12.07 59.90 -9.61
CA ASP D 152 11.43 61.22 -9.60
C ASP D 152 9.90 61.09 -9.44
N ASN D 153 9.49 60.16 -8.57
CA ASN D 153 8.10 59.92 -8.09
C ASN D 153 7.18 59.24 -9.10
N ALA D 154 7.69 58.80 -10.24
CA ALA D 154 6.90 58.06 -11.21
C ALA D 154 7.09 56.57 -10.97
N LEU D 155 6.01 55.90 -10.56
CA LEU D 155 6.04 54.45 -10.43
C LEU D 155 6.45 53.79 -11.75
N GLN D 156 7.44 52.91 -11.68
CA GLN D 156 7.96 52.25 -12.87
C GLN D 156 7.21 50.95 -13.13
N SER D 157 6.99 50.66 -14.40
CA SER D 157 6.33 49.44 -14.83
C SER D 157 7.16 48.78 -15.91
N GLY D 158 7.38 47.47 -15.77
CA GLY D 158 7.87 46.64 -16.85
C GLY D 158 9.34 46.78 -17.20
N ASN D 159 10.15 47.42 -16.36
CA ASN D 159 11.57 47.54 -16.65
C ASN D 159 12.42 47.21 -15.42
N SER D 160 11.89 46.40 -14.50
CA SER D 160 12.65 45.85 -13.39
C SER D 160 12.16 44.44 -13.12
N GLN D 161 13.04 43.62 -12.54
CA GLN D 161 12.75 42.22 -12.28
C GLN D 161 13.22 41.86 -10.88
N GLU D 162 12.54 40.89 -10.27
CA GLU D 162 12.89 40.42 -8.94
C GLU D 162 13.42 38.99 -9.00
N SER D 163 14.10 38.64 -7.93
CA SER D 163 14.59 37.29 -7.74
C SER D 163 14.66 37.07 -6.25
N VAL D 164 14.32 35.88 -5.79
CA VAL D 164 14.20 35.60 -4.36
C VAL D 164 15.00 34.35 -4.03
N THR D 165 15.75 34.38 -2.93
CA THR D 165 16.47 33.18 -2.55
C THR D 165 15.53 32.11 -1.98
N GLU D 166 15.97 30.87 -2.06
CA GLU D 166 15.38 29.80 -1.26
C GLU D 166 15.44 30.16 0.22
N GLN D 167 14.55 29.56 1.00
CA GLN D 167 14.54 29.81 2.43
C GLN D 167 15.83 29.34 3.10
N ASP D 168 16.45 30.23 3.89
CA ASP D 168 17.70 29.91 4.56
C ASP D 168 17.60 28.74 5.54
N SER D 169 18.56 27.83 5.44
CA SER D 169 18.49 26.63 6.27
C SER D 169 18.68 26.93 7.75
N LYS D 170 19.44 27.96 8.11
CA LYS D 170 19.62 28.17 9.55
C LYS D 170 18.52 29.05 10.15
N ASP D 171 18.32 30.26 9.60
CA ASP D 171 17.38 31.22 10.18
C ASP D 171 16.04 31.34 9.43
N SER D 172 15.81 30.56 8.38
CA SER D 172 14.50 30.43 7.75
C SER D 172 14.00 31.74 7.14
N THR D 173 14.90 32.61 6.74
CA THR D 173 14.51 33.85 6.07
C THR D 173 14.71 33.79 4.56
N TYR D 174 14.05 34.73 3.88
CA TYR D 174 14.20 34.94 2.46
C TYR D 174 14.96 36.23 2.22
N SER D 175 15.64 36.30 1.09
CA SER D 175 16.23 37.53 0.58
C SER D 175 15.77 37.75 -0.85
N LEU D 176 15.78 39.00 -1.27
CA LEU D 176 15.17 39.37 -2.53
C LEU D 176 15.97 40.51 -3.17
N SER D 177 16.30 40.35 -4.45
CA SER D 177 16.96 41.39 -5.20
C SER D 177 16.04 41.83 -6.31
N SER D 178 15.96 43.15 -6.50
CA SER D 178 15.21 43.78 -7.57
C SER D 178 16.15 44.68 -8.38
N THR D 179 16.11 44.55 -9.70
CA THR D 179 17.02 45.28 -10.58
C THR D 179 16.23 46.08 -11.58
N LEU D 180 16.47 47.39 -11.63
CA LEU D 180 15.85 48.29 -12.59
C LEU D 180 16.88 48.65 -13.65
N THR D 181 16.53 48.47 -14.92
CA THR D 181 17.49 48.60 -16.00
C THR D 181 17.01 49.67 -16.97
N LEU D 182 17.87 50.67 -17.18
CA LEU D 182 17.65 51.75 -18.13
C LEU D 182 18.89 51.89 -18.99
N SER D 183 18.69 52.42 -20.19
CA SER D 183 19.83 52.90 -20.94
C SER D 183 20.44 54.08 -20.18
N LYS D 184 21.76 54.18 -20.25
CA LYS D 184 22.45 55.30 -19.59
C LYS D 184 21.92 56.64 -20.07
N ALA D 185 21.53 56.72 -21.34
CA ALA D 185 20.90 57.93 -21.85
C ALA D 185 19.61 58.24 -21.08
N ASP D 186 18.74 57.25 -20.92
CA ASP D 186 17.50 57.44 -20.18
C ASP D 186 17.75 57.63 -18.68
N TYR D 187 18.82 57.03 -18.15
CA TYR D 187 19.18 57.21 -16.74
C TYR D 187 19.52 58.67 -16.45
N GLU D 188 20.27 59.31 -17.34
CA GLU D 188 20.72 60.66 -17.07
C GLU D 188 19.60 61.69 -17.14
N LYS D 189 18.34 61.29 -17.32
CA LYS D 189 17.22 62.23 -17.37
C LYS D 189 16.55 62.47 -16.02
N HIS D 190 16.99 61.81 -14.95
CA HIS D 190 16.32 61.92 -13.66
C HIS D 190 17.35 61.93 -12.54
N LYS D 191 16.93 62.35 -11.36
CA LYS D 191 17.86 62.54 -10.26
C LYS D 191 17.62 61.63 -9.06
N VAL D 192 16.36 61.39 -8.65
CA VAL D 192 16.06 60.67 -7.41
C VAL D 192 15.55 59.27 -7.76
N TYR D 193 16.33 58.26 -7.41
CA TYR D 193 16.00 56.86 -7.67
C TYR D 193 15.67 56.19 -6.35
N ALA D 194 14.45 55.66 -6.23
CA ALA D 194 13.95 55.15 -4.96
C ALA D 194 13.35 53.76 -5.08
N CYS D 195 13.52 53.00 -4.01
CA CYS D 195 12.97 51.67 -3.85
C CYS D 195 12.00 51.75 -2.67
N GLU D 196 10.74 51.43 -2.90
CA GLU D 196 9.75 51.50 -1.83
C GLU D 196 9.30 50.08 -1.50
N VAL D 197 9.44 49.70 -0.24
CA VAL D 197 9.25 48.34 0.22
C VAL D 197 8.09 48.33 1.21
N THR D 198 7.05 47.57 0.89
CA THR D 198 6.01 47.24 1.84
C THR D 198 6.11 45.77 2.21
N HIS D 199 6.12 45.49 3.51
CA HIS D 199 6.22 44.14 4.04
C HIS D 199 5.50 44.10 5.37
N GLN D 200 4.96 42.93 5.73
CA GLN D 200 4.17 42.95 6.96
C GLN D 200 5.03 43.09 8.20
N GLY D 201 6.34 42.91 8.09
CA GLY D 201 7.20 43.33 9.18
C GLY D 201 7.35 44.83 9.33
N LEU D 202 6.88 45.60 8.36
CA LEU D 202 7.06 47.05 8.37
C LEU D 202 5.71 47.70 8.68
N SER D 203 5.66 48.45 9.80
CA SER D 203 4.39 49.09 10.17
C SER D 203 4.00 50.19 9.21
N SER D 204 4.91 50.64 8.35
CA SER D 204 4.60 51.50 7.22
C SER D 204 5.72 51.34 6.21
N PRO D 205 5.46 51.63 4.93
CA PRO D 205 6.45 51.29 3.89
C PRO D 205 7.77 52.01 4.11
N VAL D 206 8.88 51.30 3.82
CA VAL D 206 10.23 51.86 3.87
C VAL D 206 10.63 52.35 2.48
N THR D 207 11.31 53.49 2.43
CA THR D 207 11.86 54.01 1.18
C THR D 207 13.36 54.27 1.35
N LYS D 208 14.15 53.66 0.48
CA LYS D 208 15.58 53.92 0.35
C LYS D 208 15.83 54.53 -1.02
N SER D 209 16.74 55.49 -1.11
CA SER D 209 16.90 56.21 -2.36
C SER D 209 18.31 56.77 -2.51
N PHE D 210 18.58 57.35 -3.67
CA PHE D 210 19.83 58.04 -3.90
C PHE D 210 19.63 59.07 -5.01
N ASN D 211 20.59 59.98 -5.11
CA ASN D 211 20.60 61.01 -6.13
C ASN D 211 21.72 60.72 -7.09
N ARG D 212 21.41 60.76 -8.39
CA ARG D 212 22.39 60.42 -9.40
C ARG D 212 23.56 61.39 -9.37
N GLY D 213 24.74 60.85 -9.08
CA GLY D 213 25.98 61.59 -9.01
C GLY D 213 26.33 62.16 -7.63
N GLU D 214 25.35 62.32 -6.73
CA GLU D 214 25.66 62.81 -5.39
C GLU D 214 25.75 61.68 -4.36
N CYS D 215 25.94 60.45 -4.82
CA CYS D 215 26.30 59.31 -3.98
C CYS D 215 25.13 58.76 -3.16
#